data_2JMF
#
_entry.id   2JMF
#
loop_
_entity.id
_entity.type
_entity.pdbx_description
1 polymer 'E3 ubiquitin-protein ligase suppressor of deltex'
2 polymer 'Neurogenic locus Notch protein'
#
loop_
_entity_poly.entity_id
_entity_poly.type
_entity_poly.pdbx_seq_one_letter_code
_entity_poly.pdbx_strand_id
1 'polypeptide(L)' GPLGSPEFHMVSLINEGPLPPGWEIRYTAAGERFFVDHNTRRTTFEDPRPGAP A
2 'polypeptide(L)' GPLGSPNTGAKQPPSYEDCIK B
#
# COMPACT_ATOMS: atom_id res chain seq x y z
N VAL A 11 -18.76 -8.67 8.53
CA VAL A 11 -18.63 -7.44 9.35
C VAL A 11 -17.17 -7.21 9.81
N SER A 12 -16.58 -8.14 10.57
CA SER A 12 -15.37 -7.97 11.40
C SER A 12 -14.11 -7.39 10.74
N LEU A 13 -13.96 -7.49 9.41
CA LEU A 13 -12.88 -6.87 8.62
C LEU A 13 -13.38 -6.20 7.32
N ILE A 14 -14.69 -5.94 7.22
CA ILE A 14 -15.38 -5.41 6.03
C ILE A 14 -16.19 -4.13 6.37
N ASN A 15 -16.42 -3.85 7.66
CA ASN A 15 -17.19 -2.70 8.18
C ASN A 15 -16.33 -1.79 9.10
N GLU A 16 -15.00 -1.91 9.00
CA GLU A 16 -14.01 -1.08 9.70
C GLU A 16 -14.01 0.40 9.23
N GLY A 17 -13.13 1.23 9.81
CA GLY A 17 -13.01 2.68 9.53
C GLY A 17 -12.71 3.05 8.06
N PRO A 18 -12.87 4.35 7.70
CA PRO A 18 -12.78 4.84 6.32
C PRO A 18 -11.35 4.77 5.75
N LEU A 19 -11.24 4.60 4.42
CA LEU A 19 -9.96 4.49 3.72
C LEU A 19 -9.27 5.86 3.46
N PRO A 20 -7.94 5.91 3.30
CA PRO A 20 -7.20 7.14 2.98
C PRO A 20 -7.50 7.70 1.57
N PRO A 21 -7.29 9.01 1.34
CA PRO A 21 -7.72 9.71 0.12
C PRO A 21 -6.88 9.36 -1.12
N GLY A 22 -7.49 8.69 -2.11
CA GLY A 22 -6.83 8.34 -3.38
C GLY A 22 -5.70 7.31 -3.27
N TRP A 23 -5.74 6.46 -2.24
CA TRP A 23 -4.76 5.41 -1.93
C TRP A 23 -5.41 4.02 -1.91
N GLU A 24 -4.58 2.98 -2.03
CA GLU A 24 -4.93 1.57 -1.86
C GLU A 24 -3.93 0.91 -0.89
N ILE A 25 -4.37 -0.11 -0.16
CA ILE A 25 -3.65 -0.72 0.97
C ILE A 25 -3.89 -2.23 0.94
N ARG A 26 -2.80 -3.01 0.91
CA ARG A 26 -2.83 -4.48 0.69
C ARG A 26 -1.99 -5.21 1.74
N TYR A 27 -2.27 -6.51 1.89
CA TYR A 27 -1.75 -7.38 2.93
C TYR A 27 -1.25 -8.68 2.29
N THR A 28 0.07 -8.90 2.24
CA THR A 28 0.67 -10.06 1.56
C THR A 28 0.64 -11.33 2.43
N ALA A 29 0.79 -12.50 1.80
CA ALA A 29 0.85 -13.79 2.48
C ALA A 29 2.06 -13.95 3.43
N ALA A 30 3.08 -13.09 3.31
CA ALA A 30 4.20 -12.97 4.25
C ALA A 30 3.79 -12.39 5.63
N GLY A 31 2.58 -11.84 5.77
CA GLY A 31 2.09 -11.22 7.01
C GLY A 31 2.50 -9.76 7.15
N GLU A 32 2.62 -9.03 6.04
CA GLU A 32 3.07 -7.63 5.97
C GLU A 32 2.09 -6.76 5.18
N ARG A 33 2.10 -5.45 5.46
CA ARG A 33 1.18 -4.44 4.89
C ARG A 33 1.95 -3.41 4.06
N PHE A 34 1.34 -3.01 2.95
CA PHE A 34 1.92 -2.11 1.95
C PHE A 34 0.88 -1.12 1.43
N PHE A 35 1.35 0.02 0.93
CA PHE A 35 0.53 1.11 0.41
C PHE A 35 0.84 1.36 -1.07
N VAL A 36 -0.18 1.75 -1.83
CA VAL A 36 -0.20 1.82 -3.29
C VAL A 36 -0.85 3.14 -3.74
N ASP A 37 -0.11 3.92 -4.53
CA ASP A 37 -0.56 5.21 -5.08
C ASP A 37 -0.90 5.07 -6.56
N HIS A 38 -2.19 5.04 -6.90
CA HIS A 38 -2.66 4.96 -8.29
C HIS A 38 -2.35 6.22 -9.11
N ASN A 39 -2.08 7.37 -8.47
CA ASN A 39 -1.84 8.66 -9.12
C ASN A 39 -0.49 8.73 -9.88
N THR A 40 0.53 8.01 -9.39
CA THR A 40 1.90 7.97 -9.96
C THR A 40 2.47 6.55 -10.09
N ARG A 41 1.65 5.52 -9.77
CA ARG A 41 2.00 4.09 -9.71
C ARG A 41 3.08 3.73 -8.66
N ARG A 42 3.39 4.64 -7.73
CA ARG A 42 4.32 4.43 -6.61
C ARG A 42 3.76 3.49 -5.53
N THR A 43 4.66 3.00 -4.69
CA THR A 43 4.38 2.09 -3.56
C THR A 43 5.35 2.33 -2.39
N THR A 44 4.93 2.03 -1.16
CA THR A 44 5.76 2.23 0.05
C THR A 44 5.32 1.30 1.21
N PHE A 45 6.21 1.13 2.18
CA PHE A 45 6.07 0.24 3.34
C PHE A 45 5.30 0.87 4.51
N GLU A 46 5.08 2.19 4.48
CA GLU A 46 4.48 3.00 5.55
C GLU A 46 3.72 4.23 4.99
N ASP A 47 3.38 5.21 5.83
CA ASP A 47 2.66 6.44 5.43
C ASP A 47 3.52 7.71 5.69
N PRO A 48 4.56 7.97 4.87
CA PRO A 48 5.48 9.10 5.05
C PRO A 48 4.86 10.44 4.63
N ARG A 49 5.59 11.54 4.90
CA ARG A 49 5.30 12.89 4.39
C ARG A 49 5.21 12.93 2.85
N PRO A 50 4.40 13.81 2.25
CA PRO A 50 4.40 14.05 0.80
C PRO A 50 5.73 14.69 0.36
N GLY A 51 6.26 14.24 -0.78
CA GLY A 51 7.60 14.64 -1.27
C GLY A 51 8.14 13.70 -2.36
N ALA A 52 9.47 13.63 -2.46
CA ALA A 52 10.20 12.71 -3.32
C ALA A 52 9.82 11.22 -3.11
N PRO A 53 9.94 10.35 -4.14
CA PRO A 53 9.55 8.94 -4.09
C PRO A 53 10.32 8.10 -3.05
N ASN B 7 16.44 1.18 5.17
CA ASN B 7 15.52 0.06 5.47
C ASN B 7 15.92 -1.18 4.68
N THR B 8 16.86 -1.98 5.23
CA THR B 8 17.27 -3.29 4.67
C THR B 8 16.29 -4.39 5.07
N GLY B 9 15.92 -5.27 4.12
CA GLY B 9 15.01 -6.39 4.37
C GLY B 9 14.05 -6.66 3.21
N ALA B 10 14.57 -7.18 2.10
CA ALA B 10 13.76 -7.56 0.93
C ALA B 10 12.59 -8.51 1.30
N LYS B 11 11.41 -8.25 0.72
CA LYS B 11 10.13 -8.92 1.00
C LYS B 11 9.32 -9.09 -0.30
N GLN B 12 8.07 -9.57 -0.23
CA GLN B 12 7.15 -9.57 -1.37
C GLN B 12 6.97 -8.15 -1.93
N PRO B 13 7.34 -7.87 -3.20
CA PRO B 13 7.26 -6.52 -3.76
C PRO B 13 5.80 -6.11 -4.04
N PRO B 14 5.32 -4.95 -3.54
CA PRO B 14 3.99 -4.45 -3.87
C PRO B 14 3.93 -3.97 -5.33
N SER B 15 3.03 -4.55 -6.12
CA SER B 15 2.81 -4.25 -7.55
C SER B 15 1.34 -4.48 -7.91
N TYR B 16 0.53 -3.41 -7.83
CA TYR B 16 -0.90 -3.45 -8.20
C TYR B 16 -1.05 -3.16 -9.70
N GLU B 17 -1.19 -1.88 -10.08
CA GLU B 17 -1.23 -1.40 -11.47
C GLU B 17 0.00 -1.83 -12.27
N ASP B 18 1.18 -1.85 -11.63
CA ASP B 18 2.45 -2.23 -12.26
C ASP B 18 2.55 -3.72 -12.63
N CYS B 19 1.69 -4.57 -12.06
CA CYS B 19 1.57 -5.99 -12.42
C CYS B 19 0.47 -6.25 -13.46
N ILE B 20 -0.68 -5.56 -13.36
CA ILE B 20 -1.85 -5.76 -14.24
C ILE B 20 -1.80 -4.99 -15.58
N LYS B 21 -0.61 -4.55 -16.02
CA LYS B 21 -0.39 -3.78 -17.27
C LYS B 21 0.64 -4.44 -18.20
N VAL A 11 -10.99 -8.33 5.41
CA VAL A 11 -11.32 -6.88 5.55
C VAL A 11 -11.93 -6.51 6.91
N SER A 12 -13.01 -7.18 7.34
CA SER A 12 -13.98 -6.74 8.36
C SER A 12 -13.44 -6.33 9.75
N LEU A 13 -12.29 -6.84 10.18
CA LEU A 13 -11.61 -6.49 11.45
C LEU A 13 -10.13 -6.11 11.28
N ILE A 14 -9.72 -5.81 10.04
CA ILE A 14 -8.34 -5.51 9.64
C ILE A 14 -8.25 -4.11 8.97
N ASN A 15 -9.35 -3.62 8.40
CA ASN A 15 -9.44 -2.35 7.68
C ASN A 15 -10.60 -1.48 8.26
N GLU A 16 -10.63 -1.35 9.58
CA GLU A 16 -11.62 -0.57 10.34
C GLU A 16 -11.61 0.93 9.96
N GLY A 17 -12.77 1.58 9.98
CA GLY A 17 -12.95 2.99 9.61
C GLY A 17 -12.94 3.25 8.07
N PRO A 18 -13.03 4.52 7.64
CA PRO A 18 -12.99 4.90 6.22
C PRO A 18 -11.57 4.75 5.62
N LEU A 19 -11.49 4.53 4.30
CA LEU A 19 -10.21 4.37 3.60
C LEU A 19 -9.51 5.74 3.33
N PRO A 20 -8.17 5.78 3.17
CA PRO A 20 -7.41 7.01 2.88
C PRO A 20 -7.68 7.57 1.46
N PRO A 21 -7.48 8.88 1.23
CA PRO A 21 -7.88 9.59 0.01
C PRO A 21 -7.03 9.22 -1.22
N GLY A 22 -7.64 8.53 -2.20
CA GLY A 22 -6.98 8.17 -3.46
C GLY A 22 -5.83 7.15 -3.33
N TRP A 23 -5.83 6.36 -2.25
CA TRP A 23 -4.84 5.33 -1.94
C TRP A 23 -5.46 3.92 -1.92
N GLU A 24 -4.62 2.91 -2.04
CA GLU A 24 -4.94 1.49 -1.89
C GLU A 24 -3.93 0.84 -0.92
N ILE A 25 -4.37 -0.19 -0.19
CA ILE A 25 -3.64 -0.77 0.96
C ILE A 25 -3.88 -2.28 0.95
N ARG A 26 -2.80 -3.07 0.85
CA ARG A 26 -2.85 -4.53 0.65
C ARG A 26 -1.99 -5.27 1.67
N TYR A 27 -2.28 -6.55 1.85
CA TYR A 27 -1.76 -7.41 2.92
C TYR A 27 -1.20 -8.69 2.31
N THR A 28 0.12 -8.74 2.11
CA THR A 28 0.82 -9.86 1.48
C THR A 28 0.76 -11.13 2.34
N ALA A 29 0.86 -12.31 1.72
CA ALA A 29 0.83 -13.61 2.42
C ALA A 29 2.01 -13.83 3.40
N ALA A 30 3.07 -13.01 3.32
CA ALA A 30 4.14 -12.93 4.31
C ALA A 30 3.68 -12.38 5.68
N GLY A 31 2.47 -11.79 5.77
CA GLY A 31 1.93 -11.15 6.96
C GLY A 31 2.30 -9.66 7.06
N GLU A 32 2.46 -8.98 5.92
CA GLU A 32 3.01 -7.63 5.83
C GLU A 32 2.13 -6.70 4.97
N ARG A 33 1.81 -5.53 5.53
CA ARG A 33 1.01 -4.47 4.89
C ARG A 33 1.89 -3.55 4.03
N PHE A 34 1.36 -3.14 2.89
CA PHE A 34 1.96 -2.16 1.98
C PHE A 34 0.89 -1.21 1.43
N PHE A 35 1.31 -0.03 0.98
CA PHE A 35 0.47 1.02 0.41
C PHE A 35 0.81 1.22 -1.08
N VAL A 36 -0.20 1.66 -1.84
CA VAL A 36 -0.22 1.73 -3.30
C VAL A 36 -0.91 3.04 -3.71
N ASP A 37 -0.27 3.81 -4.58
CA ASP A 37 -0.78 5.08 -5.11
C ASP A 37 -1.03 4.97 -6.63
N HIS A 38 -2.30 5.06 -7.03
CA HIS A 38 -2.70 4.98 -8.45
C HIS A 38 -2.39 6.26 -9.24
N ASN A 39 -2.19 7.40 -8.56
CA ASN A 39 -1.92 8.69 -9.19
C ASN A 39 -0.55 8.75 -9.90
N THR A 40 0.43 7.99 -9.41
CA THR A 40 1.81 7.92 -9.94
C THR A 40 2.35 6.49 -10.09
N ARG A 41 1.50 5.47 -9.86
CA ARG A 41 1.77 4.02 -9.90
C ARG A 41 2.73 3.50 -8.81
N ARG A 42 3.21 4.37 -7.90
CA ARG A 42 4.20 4.03 -6.87
C ARG A 42 3.65 3.21 -5.69
N THR A 43 4.55 2.75 -4.83
CA THR A 43 4.26 1.97 -3.61
C THR A 43 5.21 2.33 -2.46
N THR A 44 4.84 1.95 -1.23
CA THR A 44 5.67 2.12 -0.01
C THR A 44 5.21 1.18 1.12
N PHE A 45 6.09 0.88 2.06
CA PHE A 45 5.80 0.08 3.26
C PHE A 45 5.16 0.90 4.41
N GLU A 46 5.22 2.24 4.35
CA GLU A 46 4.81 3.15 5.43
C GLU A 46 3.98 4.34 4.90
N ASP A 47 3.78 5.39 5.70
CA ASP A 47 3.02 6.59 5.33
C ASP A 47 3.91 7.86 5.39
N PRO A 48 4.83 8.05 4.42
CA PRO A 48 5.76 9.18 4.37
C PRO A 48 5.07 10.50 3.98
N ARG A 49 5.85 11.59 3.93
CA ARG A 49 5.42 12.92 3.45
C ARG A 49 4.77 12.87 2.05
N PRO A 50 3.80 13.77 1.75
CA PRO A 50 3.06 13.76 0.49
C PRO A 50 3.88 14.21 -0.74
N GLY A 51 5.05 14.84 -0.53
CA GLY A 51 5.98 15.28 -1.59
C GLY A 51 6.80 14.14 -2.20
N ALA A 52 6.12 13.11 -2.71
CA ALA A 52 6.71 11.86 -3.19
C ALA A 52 6.15 11.42 -4.57
N PRO A 53 6.38 12.20 -5.65
CA PRO A 53 6.07 11.78 -7.03
C PRO A 53 6.96 10.59 -7.46
N ASN B 7 13.19 -0.99 11.09
CA ASN B 7 13.87 -2.29 10.83
C ASN B 7 13.16 -3.04 9.70
N THR B 8 13.73 -3.03 8.49
CA THR B 8 13.14 -3.62 7.27
C THR B 8 14.22 -4.23 6.35
N GLY B 9 13.80 -4.95 5.31
CA GLY B 9 14.66 -5.59 4.31
C GLY B 9 13.87 -6.13 3.12
N ALA B 10 14.53 -6.86 2.21
CA ALA B 10 13.90 -7.50 1.06
C ALA B 10 12.73 -8.43 1.47
N LYS B 11 11.57 -8.23 0.84
CA LYS B 11 10.27 -8.86 1.17
C LYS B 11 9.38 -8.92 -0.10
N GLN B 12 8.15 -9.44 -0.01
CA GLN B 12 7.21 -9.49 -1.14
C GLN B 12 7.00 -8.07 -1.74
N PRO B 13 7.38 -7.81 -3.01
CA PRO B 13 7.26 -6.48 -3.61
C PRO B 13 5.78 -6.16 -3.93
N PRO B 14 5.22 -5.05 -3.42
CA PRO B 14 3.88 -4.61 -3.81
C PRO B 14 3.89 -4.14 -5.28
N SER B 15 2.90 -4.57 -6.06
CA SER B 15 2.77 -4.27 -7.50
C SER B 15 1.31 -4.46 -7.94
N TYR B 16 0.48 -3.44 -7.74
CA TYR B 16 -0.93 -3.44 -8.17
C TYR B 16 -1.04 -3.12 -9.67
N GLU B 17 -1.14 -1.83 -10.05
CA GLU B 17 -1.16 -1.42 -11.46
C GLU B 17 0.10 -1.83 -12.22
N ASP B 18 1.25 -1.88 -11.55
CA ASP B 18 2.54 -2.28 -12.13
C ASP B 18 2.62 -3.77 -12.52
N CYS B 19 1.64 -4.60 -12.08
CA CYS B 19 1.52 -6.02 -12.47
C CYS B 19 0.33 -6.29 -13.40
N ILE B 20 -0.77 -5.51 -13.31
CA ILE B 20 -1.98 -5.69 -14.13
C ILE B 20 -1.96 -4.90 -15.46
N LYS B 21 -0.79 -4.44 -15.92
CA LYS B 21 -0.58 -3.69 -17.17
C LYS B 21 0.41 -4.36 -18.14
N VAL A 11 -8.75 -7.43 7.08
CA VAL A 11 -9.38 -6.07 7.02
C VAL A 11 -10.20 -5.75 8.30
N SER A 12 -11.26 -6.51 8.61
CA SER A 12 -12.35 -6.12 9.52
C SER A 12 -12.02 -5.59 10.93
N LEU A 13 -10.87 -5.98 11.48
CA LEU A 13 -10.37 -5.51 12.78
C LEU A 13 -8.91 -5.01 12.75
N ILE A 14 -8.37 -4.74 11.55
CA ILE A 14 -6.98 -4.32 11.29
C ILE A 14 -6.94 -3.04 10.42
N ASN A 15 -8.11 -2.58 9.94
CA ASN A 15 -8.28 -1.43 9.03
C ASN A 15 -9.52 -0.60 9.41
N GLU A 16 -9.70 -0.34 10.71
CA GLU A 16 -10.85 0.43 11.26
C GLU A 16 -10.89 1.88 10.73
N GLY A 17 -12.10 2.44 10.60
CA GLY A 17 -12.35 3.79 10.06
C GLY A 17 -12.41 3.85 8.51
N PRO A 18 -12.60 5.05 7.93
CA PRO A 18 -12.63 5.25 6.48
C PRO A 18 -11.24 5.09 5.84
N LEU A 19 -11.20 4.73 4.55
CA LEU A 19 -9.96 4.54 3.80
C LEU A 19 -9.23 5.88 3.48
N PRO A 20 -7.89 5.88 3.29
CA PRO A 20 -7.11 7.09 3.01
C PRO A 20 -7.42 7.72 1.63
N PRO A 21 -7.21 9.04 1.45
CA PRO A 21 -7.68 9.80 0.28
C PRO A 21 -6.88 9.47 -0.99
N GLY A 22 -7.54 8.83 -1.97
CA GLY A 22 -6.92 8.47 -3.27
C GLY A 22 -5.78 7.45 -3.19
N TRP A 23 -5.79 6.60 -2.16
CA TRP A 23 -4.79 5.55 -1.87
C TRP A 23 -5.43 4.16 -1.85
N GLU A 24 -4.60 3.12 -1.94
CA GLU A 24 -4.97 1.70 -1.89
C GLU A 24 -3.94 0.96 -1.01
N ILE A 25 -4.35 -0.12 -0.32
CA ILE A 25 -3.55 -0.78 0.72
C ILE A 25 -3.79 -2.30 0.69
N ARG A 26 -2.72 -3.09 0.67
CA ARG A 26 -2.74 -4.55 0.51
C ARG A 26 -2.01 -5.25 1.65
N TYR A 27 -2.43 -6.48 1.94
CA TYR A 27 -1.88 -7.35 3.00
C TYR A 27 -1.35 -8.63 2.33
N THR A 28 -0.03 -8.76 2.24
CA THR A 28 0.64 -9.89 1.58
C THR A 28 0.58 -11.18 2.42
N ALA A 29 0.71 -12.34 1.76
CA ALA A 29 0.73 -13.65 2.41
C ALA A 29 1.93 -13.85 3.38
N ALA A 30 2.96 -13.00 3.29
CA ALA A 30 4.07 -12.94 4.25
C ALA A 30 3.67 -12.40 5.64
N GLY A 31 2.47 -11.83 5.78
CA GLY A 31 1.99 -11.23 7.03
C GLY A 31 2.39 -9.75 7.18
N GLU A 32 2.48 -9.00 6.07
CA GLU A 32 2.97 -7.63 6.00
C GLU A 32 2.08 -6.73 5.12
N ARG A 33 1.93 -5.47 5.51
CA ARG A 33 1.07 -4.48 4.82
C ARG A 33 1.90 -3.49 4.00
N PHE A 34 1.36 -3.10 2.84
CA PHE A 34 1.99 -2.20 1.87
C PHE A 34 0.95 -1.22 1.28
N PHE A 35 1.38 0.01 1.04
CA PHE A 35 0.56 1.06 0.43
C PHE A 35 0.87 1.19 -1.07
N VAL A 36 -0.15 1.59 -1.83
CA VAL A 36 -0.19 1.65 -3.30
C VAL A 36 -0.87 2.95 -3.73
N ASP A 37 -0.22 3.70 -4.62
CA ASP A 37 -0.72 4.96 -5.16
C ASP A 37 -1.02 4.81 -6.67
N HIS A 38 -2.28 5.03 -7.06
CA HIS A 38 -2.72 4.95 -8.47
C HIS A 38 -2.42 6.23 -9.28
N ASN A 39 -2.04 7.33 -8.62
CA ASN A 39 -1.82 8.64 -9.24
C ASN A 39 -0.48 8.72 -10.00
N THR A 40 0.55 8.01 -9.53
CA THR A 40 1.89 7.90 -10.15
C THR A 40 2.43 6.47 -10.19
N ARG A 41 1.60 5.48 -9.83
CA ARG A 41 1.90 4.02 -9.77
C ARG A 41 2.92 3.61 -8.69
N ARG A 42 3.32 4.53 -7.81
CA ARG A 42 4.28 4.32 -6.70
C ARG A 42 3.71 3.44 -5.57
N THR A 43 4.61 3.00 -4.69
CA THR A 43 4.34 2.15 -3.52
C THR A 43 5.26 2.49 -2.34
N THR A 44 4.86 2.12 -1.12
CA THR A 44 5.66 2.37 0.10
C THR A 44 5.32 1.41 1.25
N PHE A 45 6.31 1.13 2.09
CA PHE A 45 6.21 0.27 3.29
C PHE A 45 5.46 0.95 4.46
N GLU A 46 5.31 2.27 4.40
CA GLU A 46 4.75 3.15 5.44
C GLU A 46 3.93 4.29 4.80
N ASP A 47 3.47 5.26 5.61
CA ASP A 47 2.63 6.38 5.17
C ASP A 47 3.37 7.75 5.28
N PRO A 48 4.27 8.07 4.33
CA PRO A 48 5.03 9.32 4.30
C PRO A 48 4.17 10.53 3.86
N ARG A 49 4.79 11.73 3.78
CA ARG A 49 4.20 12.94 3.19
C ARG A 49 3.65 12.68 1.76
N PRO A 50 2.57 13.37 1.34
CA PRO A 50 1.86 13.16 0.06
C PRO A 50 2.67 13.65 -1.16
N GLY A 51 3.76 12.95 -1.47
CA GLY A 51 4.70 13.24 -2.57
C GLY A 51 6.17 12.95 -2.21
N ALA A 52 6.48 12.71 -0.93
CA ALA A 52 7.82 12.53 -0.36
C ALA A 52 8.91 13.47 -0.97
N PRO A 53 8.74 14.81 -0.91
CA PRO A 53 9.65 15.79 -1.52
C PRO A 53 11.06 15.79 -0.89
N ASN B 7 12.07 -1.07 10.45
CA ASN B 7 12.49 -2.45 10.08
C ASN B 7 12.93 -2.48 8.60
N THR B 8 14.00 -3.21 8.27
CA THR B 8 14.60 -3.26 6.91
C THR B 8 14.92 -4.68 6.45
N GLY B 9 14.84 -4.89 5.13
CA GLY B 9 15.15 -6.14 4.42
C GLY B 9 14.27 -6.31 3.17
N ALA B 10 14.66 -7.23 2.28
CA ALA B 10 13.83 -7.64 1.15
C ALA B 10 12.58 -8.43 1.62
N LYS B 11 11.44 -8.21 0.95
CA LYS B 11 10.13 -8.84 1.22
C LYS B 11 9.34 -8.98 -0.09
N GLN B 12 8.09 -9.46 -0.04
CA GLN B 12 7.19 -9.47 -1.21
C GLN B 12 7.02 -8.05 -1.80
N PRO B 13 7.41 -7.79 -3.06
CA PRO B 13 7.32 -6.46 -3.65
C PRO B 13 5.86 -6.10 -3.98
N PRO B 14 5.33 -4.95 -3.50
CA PRO B 14 4.00 -4.48 -3.89
C PRO B 14 4.00 -4.00 -5.35
N SER B 15 3.13 -4.60 -6.17
CA SER B 15 2.99 -4.33 -7.61
C SER B 15 1.54 -4.54 -8.05
N TYR B 16 0.67 -3.57 -7.77
CA TYR B 16 -0.75 -3.62 -8.15
C TYR B 16 -0.92 -3.24 -9.63
N GLU B 17 -1.11 -1.95 -9.95
CA GLU B 17 -1.16 -1.47 -11.35
C GLU B 17 0.14 -1.74 -12.12
N ASP B 18 1.28 -1.78 -11.44
CA ASP B 18 2.60 -2.06 -12.03
C ASP B 18 2.77 -3.53 -12.48
N CYS B 19 1.83 -4.43 -12.16
CA CYS B 19 1.80 -5.82 -12.62
C CYS B 19 0.60 -6.12 -13.53
N ILE B 20 -0.58 -5.55 -13.25
CA ILE B 20 -1.80 -5.71 -14.06
C ILE B 20 -1.92 -4.70 -15.22
N LYS B 21 -0.79 -4.12 -15.65
CA LYS B 21 -0.62 -3.10 -16.71
C LYS B 21 -1.54 -3.24 -17.94
N VAL A 11 -19.21 -6.76 14.59
CA VAL A 11 -18.05 -5.96 15.11
C VAL A 11 -16.80 -6.07 14.22
N SER A 12 -16.18 -7.25 14.07
CA SER A 12 -14.80 -7.43 13.56
C SER A 12 -14.48 -6.87 12.16
N LEU A 13 -15.48 -6.80 11.26
CA LEU A 13 -15.34 -6.23 9.91
C LEU A 13 -16.50 -5.29 9.50
N ILE A 14 -17.28 -4.83 10.49
CA ILE A 14 -18.50 -4.00 10.31
C ILE A 14 -18.52 -2.79 11.29
N ASN A 15 -17.35 -2.44 11.85
CA ASN A 15 -17.18 -1.31 12.78
C ASN A 15 -15.81 -0.60 12.60
N GLU A 16 -15.14 -0.81 11.46
CA GLU A 16 -13.80 -0.28 11.15
C GLU A 16 -13.83 1.18 10.63
N GLY A 17 -12.67 1.83 10.56
CA GLY A 17 -12.52 3.22 10.10
C GLY A 17 -12.54 3.39 8.56
N PRO A 18 -12.62 4.64 8.06
CA PRO A 18 -12.62 4.97 6.63
C PRO A 18 -11.25 4.81 5.97
N LEU A 19 -11.21 4.71 4.63
CA LEU A 19 -9.97 4.56 3.86
C LEU A 19 -9.26 5.91 3.57
N PRO A 20 -7.94 5.92 3.34
CA PRO A 20 -7.17 7.14 3.02
C PRO A 20 -7.47 7.72 1.61
N PRO A 21 -7.19 9.02 1.38
CA PRO A 21 -7.59 9.74 0.15
C PRO A 21 -6.81 9.30 -1.10
N GLY A 22 -7.48 8.67 -2.06
CA GLY A 22 -6.88 8.27 -3.35
C GLY A 22 -5.73 7.25 -3.24
N TRP A 23 -5.72 6.45 -2.17
CA TRP A 23 -4.72 5.42 -1.87
C TRP A 23 -5.37 4.02 -1.85
N GLU A 24 -4.55 2.99 -2.05
CA GLU A 24 -4.90 1.58 -1.90
C GLU A 24 -3.91 0.93 -0.92
N ILE A 25 -4.38 -0.07 -0.16
CA ILE A 25 -3.63 -0.68 0.95
C ILE A 25 -3.91 -2.18 0.92
N ARG A 26 -2.86 -3.00 0.88
CA ARG A 26 -2.94 -4.46 0.71
C ARG A 26 -2.08 -5.19 1.75
N TYR A 27 -2.43 -6.45 2.00
CA TYR A 27 -1.82 -7.31 3.01
C TYR A 27 -1.31 -8.58 2.32
N THR A 28 0.01 -8.69 2.16
CA THR A 28 0.66 -9.85 1.52
C THR A 28 0.48 -11.12 2.36
N ALA A 29 0.34 -12.28 1.69
CA ALA A 29 0.13 -13.58 2.34
C ALA A 29 1.27 -14.00 3.30
N ALA A 30 2.48 -13.44 3.11
CA ALA A 30 3.61 -13.59 4.02
C ALA A 30 3.44 -12.88 5.38
N GLY A 31 2.47 -11.97 5.52
CA GLY A 31 2.03 -11.40 6.80
C GLY A 31 2.30 -9.90 6.99
N GLU A 32 2.45 -9.11 5.91
CA GLU A 32 2.85 -7.69 5.99
C GLU A 32 2.00 -6.78 5.08
N ARG A 33 1.72 -5.58 5.58
CA ARG A 33 0.95 -4.51 4.89
C ARG A 33 1.87 -3.61 4.05
N PHE A 34 1.35 -3.19 2.90
CA PHE A 34 1.99 -2.28 1.96
C PHE A 34 0.96 -1.28 1.39
N PHE A 35 1.44 -0.11 0.97
CA PHE A 35 0.61 0.98 0.43
C PHE A 35 0.92 1.21 -1.06
N VAL A 36 -0.12 1.59 -1.81
CA VAL A 36 -0.16 1.67 -3.27
C VAL A 36 -0.83 2.97 -3.69
N ASP A 37 -0.19 3.74 -4.57
CA ASP A 37 -0.70 4.99 -5.11
C ASP A 37 -0.91 4.86 -6.63
N HIS A 38 -2.16 5.02 -7.06
CA HIS A 38 -2.53 4.94 -8.49
C HIS A 38 -2.19 6.23 -9.27
N ASN A 39 -1.95 7.34 -8.58
CA ASN A 39 -1.72 8.67 -9.18
C ASN A 39 -0.38 8.77 -9.92
N THR A 40 0.66 8.06 -9.46
CA THR A 40 1.97 7.93 -10.14
C THR A 40 2.47 6.48 -10.26
N ARG A 41 1.60 5.50 -9.90
CA ARG A 41 1.85 4.03 -9.88
C ARG A 41 2.82 3.55 -8.78
N ARG A 42 3.33 4.45 -7.94
CA ARG A 42 4.31 4.16 -6.87
C ARG A 42 3.74 3.33 -5.71
N THR A 43 4.63 2.86 -4.84
CA THR A 43 4.35 2.06 -3.65
C THR A 43 5.32 2.38 -2.50
N THR A 44 4.96 1.99 -1.27
CA THR A 44 5.77 2.27 -0.06
C THR A 44 5.41 1.34 1.12
N PHE A 45 6.35 1.18 2.05
CA PHE A 45 6.24 0.32 3.25
C PHE A 45 5.57 1.03 4.44
N GLU A 46 5.49 2.35 4.40
CA GLU A 46 5.00 3.23 5.48
C GLU A 46 3.88 4.17 4.96
N ASP A 47 3.50 5.19 5.73
CA ASP A 47 2.48 6.17 5.34
C ASP A 47 3.06 7.59 5.25
N PRO A 48 3.84 7.91 4.19
CA PRO A 48 4.49 9.21 3.99
C PRO A 48 3.47 10.31 3.59
N ARG A 49 3.96 11.50 3.20
CA ARG A 49 3.13 12.57 2.61
C ARG A 49 2.27 12.06 1.42
N PRO A 50 1.07 12.62 1.19
CA PRO A 50 0.15 12.13 0.17
C PRO A 50 0.68 12.29 -1.26
N GLY A 51 1.38 13.40 -1.55
CA GLY A 51 1.87 13.76 -2.89
C GLY A 51 0.76 13.93 -3.95
N ALA A 52 1.16 14.12 -5.21
CA ALA A 52 0.29 14.30 -6.38
C ALA A 52 -0.72 15.49 -6.30
N PRO A 53 -1.44 15.83 -7.39
CA PRO A 53 -2.55 16.80 -7.36
C PRO A 53 -3.74 16.31 -6.50
N ASN B 7 13.63 -1.39 10.28
CA ASN B 7 12.96 -2.55 9.64
C ASN B 7 12.76 -2.30 8.14
N THR B 8 13.80 -2.62 7.34
CA THR B 8 13.85 -2.47 5.87
C THR B 8 14.78 -3.53 5.26
N GLY B 9 14.58 -3.88 3.99
CA GLY B 9 15.38 -4.88 3.27
C GLY B 9 14.61 -5.52 2.11
N ALA B 10 15.13 -6.64 1.59
CA ALA B 10 14.43 -7.50 0.64
C ALA B 10 13.12 -8.04 1.25
N LYS B 11 11.98 -7.58 0.72
CA LYS B 11 10.61 -7.89 1.13
C LYS B 11 9.74 -8.19 -0.10
N GLN B 12 8.53 -8.69 0.13
CA GLN B 12 7.49 -8.88 -0.89
C GLN B 12 7.30 -7.57 -1.69
N PRO B 13 7.62 -7.49 -3.00
CA PRO B 13 7.51 -6.25 -3.75
C PRO B 13 6.03 -5.94 -4.06
N PRO B 14 5.44 -4.84 -3.53
CA PRO B 14 4.08 -4.47 -3.85
C PRO B 14 3.98 -3.97 -5.30
N SER B 15 3.10 -4.60 -6.09
CA SER B 15 2.89 -4.33 -7.52
C SER B 15 1.41 -4.59 -7.86
N TYR B 16 0.56 -3.58 -7.66
CA TYR B 16 -0.86 -3.63 -8.02
C TYR B 16 -1.01 -3.29 -9.50
N GLU B 17 -1.16 -1.99 -9.81
CA GLU B 17 -1.27 -1.45 -11.18
C GLU B 17 -0.04 -1.79 -12.04
N ASP B 18 1.15 -1.83 -11.43
CA ASP B 18 2.42 -2.18 -12.09
C ASP B 18 2.52 -3.67 -12.51
N CYS B 19 1.66 -4.54 -11.98
CA CYS B 19 1.59 -5.96 -12.37
C CYS B 19 0.43 -6.22 -13.34
N ILE B 20 -0.74 -5.60 -13.12
CA ILE B 20 -1.96 -5.82 -13.93
C ILE B 20 -1.99 -5.01 -15.25
N LYS B 21 -0.83 -4.69 -15.84
CA LYS B 21 -0.66 -3.91 -17.08
C LYS B 21 0.25 -4.60 -18.11
N VAL A 11 -9.24 -5.88 15.63
CA VAL A 11 -10.03 -4.61 15.57
C VAL A 11 -9.15 -3.35 15.46
N SER A 12 -8.20 -3.13 16.38
CA SER A 12 -7.53 -1.85 16.69
C SER A 12 -6.88 -1.06 15.53
N LEU A 13 -6.42 -1.74 14.47
CA LEU A 13 -5.89 -1.12 13.24
C LEU A 13 -6.46 -1.76 11.95
N ILE A 14 -7.67 -2.32 12.05
CA ILE A 14 -8.42 -2.97 10.95
C ILE A 14 -9.87 -2.42 10.85
N ASN A 15 -10.35 -1.69 11.87
CA ASN A 15 -11.71 -1.14 11.98
C ASN A 15 -11.69 0.37 12.32
N GLU A 16 -10.72 1.11 11.75
CA GLU A 16 -10.62 2.59 11.86
C GLU A 16 -11.74 3.32 11.09
N GLY A 17 -11.59 4.64 10.89
CA GLY A 17 -12.38 5.46 9.95
C GLY A 17 -12.27 5.06 8.46
N PRO A 18 -12.85 5.84 7.54
CA PRO A 18 -12.89 5.53 6.10
C PRO A 18 -11.50 5.50 5.44
N LEU A 19 -11.40 4.85 4.29
CA LEU A 19 -10.14 4.60 3.57
C LEU A 19 -9.40 5.91 3.15
N PRO A 20 -8.05 5.90 3.06
CA PRO A 20 -7.25 7.09 2.75
C PRO A 20 -7.48 7.64 1.32
N PRO A 21 -7.30 8.96 1.10
CA PRO A 21 -7.73 9.66 -0.11
C PRO A 21 -6.92 9.26 -1.36
N GLY A 22 -7.56 8.57 -2.31
CA GLY A 22 -6.94 8.15 -3.58
C GLY A 22 -5.81 7.12 -3.44
N TRP A 23 -5.80 6.36 -2.34
CA TRP A 23 -4.81 5.33 -2.01
C TRP A 23 -5.45 3.92 -2.01
N GLU A 24 -4.60 2.91 -2.12
CA GLU A 24 -4.93 1.49 -1.96
C GLU A 24 -3.93 0.85 -0.97
N ILE A 25 -4.36 -0.17 -0.24
CA ILE A 25 -3.66 -0.76 0.91
C ILE A 25 -3.89 -2.27 0.90
N ARG A 26 -2.80 -3.06 0.85
CA ARG A 26 -2.85 -4.52 0.66
C ARG A 26 -1.99 -5.25 1.69
N TYR A 27 -2.29 -6.54 1.87
CA TYR A 27 -1.71 -7.42 2.88
C TYR A 27 -1.23 -8.71 2.21
N THR A 28 0.09 -8.93 2.14
CA THR A 28 0.66 -10.12 1.49
C THR A 28 0.60 -11.36 2.39
N ALA A 29 0.74 -12.55 1.78
CA ALA A 29 0.76 -13.83 2.50
C ALA A 29 1.94 -13.97 3.50
N ALA A 30 2.97 -13.12 3.40
CA ALA A 30 4.05 -13.01 4.40
C ALA A 30 3.60 -12.37 5.74
N GLY A 31 2.40 -11.78 5.81
CA GLY A 31 1.88 -11.10 7.00
C GLY A 31 2.30 -9.63 7.07
N GLU A 32 2.41 -8.96 5.91
CA GLU A 32 2.98 -7.61 5.78
C GLU A 32 2.03 -6.67 5.01
N ARG A 33 1.84 -5.45 5.53
CA ARG A 33 1.00 -4.40 4.95
C ARG A 33 1.83 -3.44 4.10
N PHE A 34 1.30 -3.06 2.94
CA PHE A 34 1.92 -2.14 1.97
C PHE A 34 0.88 -1.17 1.43
N PHE A 35 1.35 -0.01 0.97
CA PHE A 35 0.52 1.06 0.41
C PHE A 35 0.85 1.28 -1.08
N VAL A 36 -0.17 1.66 -1.84
CA VAL A 36 -0.19 1.72 -3.31
C VAL A 36 -0.86 3.02 -3.75
N ASP A 37 -0.21 3.77 -4.62
CA ASP A 37 -0.69 5.05 -5.15
C ASP A 37 -0.92 4.94 -6.67
N HIS A 38 -2.19 4.99 -7.09
CA HIS A 38 -2.57 4.94 -8.51
C HIS A 38 -2.22 6.21 -9.28
N ASN A 39 -2.05 7.35 -8.59
CA ASN A 39 -1.78 8.66 -9.21
C ASN A 39 -0.40 8.74 -9.89
N THR A 40 0.59 7.99 -9.40
CA THR A 40 1.97 7.92 -9.93
C THR A 40 2.51 6.49 -10.08
N ARG A 41 1.65 5.48 -9.87
CA ARG A 41 1.92 4.02 -9.86
C ARG A 41 2.88 3.53 -8.76
N ARG A 42 3.35 4.40 -7.86
CA ARG A 42 4.32 4.08 -6.81
C ARG A 42 3.75 3.24 -5.65
N THR A 43 4.63 2.78 -4.78
CA THR A 43 4.32 2.01 -3.56
C THR A 43 5.26 2.39 -2.41
N THR A 44 4.92 2.00 -1.18
CA THR A 44 5.75 2.24 0.03
C THR A 44 5.36 1.31 1.19
N PHE A 45 6.31 1.11 2.11
CA PHE A 45 6.19 0.26 3.31
C PHE A 45 5.42 0.93 4.47
N GLU A 46 5.18 2.24 4.39
CA GLU A 46 4.64 3.08 5.47
C GLU A 46 3.78 4.25 4.90
N ASP A 47 3.48 5.27 5.70
CA ASP A 47 2.71 6.45 5.28
C ASP A 47 3.54 7.74 5.43
N PRO A 48 4.51 8.00 4.52
CA PRO A 48 5.40 9.16 4.56
C PRO A 48 4.69 10.46 4.13
N ARG A 49 5.46 11.55 4.03
CA ARG A 49 5.03 12.87 3.51
C ARG A 49 4.25 12.76 2.18
N PRO A 50 3.24 13.62 1.94
CA PRO A 50 2.43 13.59 0.72
C PRO A 50 3.21 14.03 -0.52
N GLY A 51 2.65 13.76 -1.71
CA GLY A 51 3.19 14.16 -3.02
C GLY A 51 2.14 14.87 -3.86
N ALA A 52 2.46 16.09 -4.31
CA ALA A 52 1.57 17.01 -5.04
C ALA A 52 0.09 17.03 -4.56
N PRO A 53 -0.19 17.30 -3.26
CA PRO A 53 -1.55 17.34 -2.71
C PRO A 53 -2.45 18.44 -3.33
N ASN B 7 6.42 -3.82 7.67
CA ASN B 7 7.84 -3.58 8.08
C ASN B 7 8.74 -3.41 6.84
N THR B 8 9.88 -2.73 7.03
CA THR B 8 10.88 -2.43 5.98
C THR B 8 11.77 -3.63 5.62
N GLY B 9 12.51 -3.52 4.51
CA GLY B 9 13.51 -4.49 4.04
C GLY B 9 13.14 -5.18 2.73
N ALA B 10 14.04 -6.03 2.23
CA ALA B 10 13.77 -6.92 1.09
C ALA B 10 12.72 -7.99 1.45
N LYS B 11 11.50 -7.81 0.96
CA LYS B 11 10.29 -8.63 1.22
C LYS B 11 9.47 -8.79 -0.06
N GLN B 12 8.25 -9.35 0.01
CA GLN B 12 7.33 -9.42 -1.13
C GLN B 12 7.11 -8.02 -1.76
N PRO B 13 7.46 -7.80 -3.05
CA PRO B 13 7.34 -6.49 -3.68
C PRO B 13 5.86 -6.17 -3.99
N PRO B 14 5.30 -5.04 -3.49
CA PRO B 14 3.95 -4.61 -3.86
C PRO B 14 3.92 -4.11 -5.31
N SER B 15 3.00 -4.63 -6.12
CA SER B 15 2.84 -4.31 -7.54
C SER B 15 1.38 -4.49 -7.97
N TYR B 16 0.55 -3.47 -7.78
CA TYR B 16 -0.86 -3.47 -8.20
C TYR B 16 -0.97 -3.13 -9.70
N GLU B 17 -1.08 -1.85 -10.07
CA GLU B 17 -1.07 -1.43 -11.49
C GLU B 17 0.23 -1.80 -12.20
N ASP B 18 1.36 -1.82 -11.48
CA ASP B 18 2.67 -2.21 -12.03
C ASP B 18 2.81 -3.71 -12.39
N CYS B 19 1.78 -4.52 -12.09
CA CYS B 19 1.68 -5.92 -12.51
C CYS B 19 0.51 -6.15 -13.49
N ILE B 20 -0.65 -5.53 -13.24
CA ILE B 20 -1.87 -5.71 -14.06
C ILE B 20 -1.98 -4.74 -15.26
N LYS B 21 -0.85 -4.13 -15.69
CA LYS B 21 -0.72 -3.21 -16.85
C LYS B 21 -1.58 -3.61 -18.06
N VAL A 11 -11.53 -8.60 6.26
CA VAL A 11 -11.63 -7.11 6.37
C VAL A 11 -12.55 -6.64 7.50
N SER A 12 -13.80 -7.12 7.59
CA SER A 12 -14.92 -6.50 8.34
C SER A 12 -14.74 -6.19 9.83
N LEU A 13 -13.84 -6.90 10.54
CA LEU A 13 -13.48 -6.64 11.94
C LEU A 13 -11.96 -6.47 12.18
N ILE A 14 -11.21 -6.23 11.10
CA ILE A 14 -9.74 -6.12 11.08
C ILE A 14 -9.30 -4.80 10.37
N ASN A 15 -10.25 -3.97 9.94
CA ASN A 15 -9.99 -2.78 9.11
C ASN A 15 -11.03 -1.64 9.33
N GLU A 16 -11.47 -1.47 10.58
CA GLU A 16 -12.48 -0.47 10.99
C GLU A 16 -12.11 0.98 10.58
N GLY A 17 -13.12 1.77 10.19
CA GLY A 17 -12.98 3.18 9.78
C GLY A 17 -12.93 3.39 8.25
N PRO A 18 -12.93 4.66 7.79
CA PRO A 18 -12.85 5.02 6.37
C PRO A 18 -11.43 4.82 5.79
N LEU A 19 -11.33 4.75 4.44
CA LEU A 19 -10.06 4.58 3.73
C LEU A 19 -9.33 5.92 3.45
N PRO A 20 -7.99 5.93 3.26
CA PRO A 20 -7.22 7.15 2.98
C PRO A 20 -7.49 7.74 1.56
N PRO A 21 -7.22 9.04 1.35
CA PRO A 21 -7.61 9.76 0.13
C PRO A 21 -6.78 9.36 -1.10
N GLY A 22 -7.41 8.71 -2.09
CA GLY A 22 -6.78 8.34 -3.36
C GLY A 22 -5.63 7.32 -3.24
N TRP A 23 -5.69 6.46 -2.21
CA TRP A 23 -4.70 5.41 -1.89
C TRP A 23 -5.36 4.02 -1.86
N GLU A 24 -4.54 2.98 -2.00
CA GLU A 24 -4.90 1.57 -1.81
C GLU A 24 -3.90 0.92 -0.84
N ILE A 25 -4.36 -0.10 -0.10
CA ILE A 25 -3.64 -0.72 1.02
C ILE A 25 -3.88 -2.22 0.97
N ARG A 26 -2.81 -3.02 0.89
CA ARG A 26 -2.88 -4.48 0.69
C ARG A 26 -2.01 -5.23 1.68
N TYR A 27 -2.35 -6.50 1.90
CA TYR A 27 -1.85 -7.35 2.99
C TYR A 27 -1.37 -8.69 2.38
N THR A 28 -0.06 -8.82 2.20
CA THR A 28 0.55 -10.00 1.55
C THR A 28 0.46 -11.26 2.42
N ALA A 29 0.53 -12.44 1.79
CA ALA A 29 0.56 -13.74 2.48
C ALA A 29 1.78 -13.95 3.41
N ALA A 30 2.82 -13.10 3.32
CA ALA A 30 3.95 -13.06 4.25
C ALA A 30 3.59 -12.44 5.63
N GLY A 31 2.39 -11.84 5.78
CA GLY A 31 1.98 -11.15 7.00
C GLY A 31 2.44 -9.70 7.06
N GLU A 32 2.58 -9.04 5.90
CA GLU A 32 3.11 -7.67 5.76
C GLU A 32 2.19 -6.78 4.93
N ARG A 33 1.90 -5.58 5.45
CA ARG A 33 1.10 -4.53 4.81
C ARG A 33 1.97 -3.63 3.93
N PHE A 34 1.39 -3.20 2.81
CA PHE A 34 1.97 -2.25 1.85
C PHE A 34 0.91 -1.26 1.36
N PHE A 35 1.37 -0.10 0.88
CA PHE A 35 0.52 0.97 0.36
C PHE A 35 0.83 1.22 -1.13
N VAL A 36 -0.18 1.65 -1.87
CA VAL A 36 -0.20 1.74 -3.34
C VAL A 36 -0.81 3.09 -3.76
N ASP A 37 -0.07 3.84 -4.58
CA ASP A 37 -0.46 5.15 -5.10
C ASP A 37 -0.80 5.07 -6.60
N HIS A 38 -2.09 5.02 -6.92
CA HIS A 38 -2.57 4.99 -8.32
C HIS A 38 -2.22 6.27 -9.11
N ASN A 39 -1.91 7.37 -8.43
CA ASN A 39 -1.60 8.67 -9.04
C ASN A 39 -0.24 8.70 -9.76
N THR A 40 0.73 7.88 -9.32
CA THR A 40 2.09 7.78 -9.90
C THR A 40 2.56 6.33 -10.11
N ARG A 41 1.70 5.35 -9.85
CA ARG A 41 1.96 3.89 -9.84
C ARG A 41 2.94 3.42 -8.75
N ARG A 42 3.40 4.33 -7.87
CA ARG A 42 4.37 4.04 -6.79
C ARG A 42 3.77 3.24 -5.63
N THR A 43 4.65 2.76 -4.77
CA THR A 43 4.32 1.96 -3.57
C THR A 43 5.28 2.27 -2.42
N THR A 44 4.89 1.91 -1.19
CA THR A 44 5.71 2.14 0.03
C THR A 44 5.32 1.21 1.19
N PHE A 45 6.22 1.05 2.16
CA PHE A 45 6.10 0.18 3.34
C PHE A 45 5.34 0.85 4.51
N GLU A 46 5.09 2.16 4.43
CA GLU A 46 4.53 3.00 5.50
C GLU A 46 3.57 4.07 4.94
N ASP A 47 3.16 5.05 5.77
CA ASP A 47 2.24 6.13 5.37
C ASP A 47 2.94 7.51 5.41
N PRO A 48 3.81 7.83 4.44
CA PRO A 48 4.54 9.09 4.36
C PRO A 48 3.66 10.27 3.89
N ARG A 49 4.27 11.44 3.69
CA ARG A 49 3.67 12.63 3.08
C ARG A 49 2.84 12.31 1.80
N PRO A 50 1.66 12.93 1.60
CA PRO A 50 0.77 12.60 0.48
C PRO A 50 1.28 13.10 -0.89
N GLY A 51 2.07 14.18 -0.91
CA GLY A 51 2.60 14.81 -2.12
C GLY A 51 1.56 15.53 -2.98
N ALA A 52 2.01 16.06 -4.12
CA ALA A 52 1.20 16.76 -5.12
C ALA A 52 1.73 16.55 -6.57
N PRO A 53 1.82 15.30 -7.05
CA PRO A 53 2.39 14.96 -8.36
C PRO A 53 1.58 15.52 -9.55
N ASN B 7 15.04 1.16 9.10
CA ASN B 7 13.90 0.22 9.00
C ASN B 7 14.30 -1.03 8.22
N THR B 8 13.74 -2.20 8.55
CA THR B 8 13.88 -3.43 7.74
C THR B 8 13.19 -3.31 6.37
N GLY B 9 13.45 -4.25 5.46
CA GLY B 9 12.99 -4.23 4.06
C GLY B 9 13.20 -5.58 3.36
N ALA B 10 13.55 -5.54 2.07
CA ALA B 10 13.87 -6.70 1.22
C ALA B 10 12.84 -7.85 1.32
N LYS B 11 11.56 -7.50 1.12
CA LYS B 11 10.38 -8.37 1.29
C LYS B 11 9.63 -8.58 -0.04
N GLN B 12 8.43 -9.17 0.00
CA GLN B 12 7.51 -9.25 -1.14
C GLN B 12 7.31 -7.87 -1.81
N PRO B 13 7.66 -7.68 -3.09
CA PRO B 13 7.52 -6.39 -3.76
C PRO B 13 6.03 -6.10 -4.07
N PRO B 14 5.44 -5.00 -3.56
CA PRO B 14 4.08 -4.61 -3.91
C PRO B 14 4.01 -4.12 -5.36
N SER B 15 3.06 -4.66 -6.13
CA SER B 15 2.85 -4.34 -7.55
C SER B 15 1.38 -4.57 -7.91
N TYR B 16 0.54 -3.54 -7.72
CA TYR B 16 -0.88 -3.57 -8.09
C TYR B 16 -1.04 -3.24 -9.59
N GLU B 17 -1.15 -1.96 -9.95
CA GLU B 17 -1.18 -1.53 -11.36
C GLU B 17 0.08 -1.94 -12.13
N ASP B 18 1.24 -1.92 -11.49
CA ASP B 18 2.52 -2.31 -12.11
C ASP B 18 2.65 -3.81 -12.43
N CYS B 19 1.69 -4.63 -11.99
CA CYS B 19 1.55 -6.02 -12.39
C CYS B 19 0.38 -6.24 -13.38
N ILE B 20 -0.76 -5.57 -13.20
CA ILE B 20 -1.95 -5.77 -14.05
C ILE B 20 -1.89 -5.01 -15.40
N LYS B 21 -1.06 -3.96 -15.54
CA LYS B 21 -0.74 -3.32 -16.83
C LYS B 21 0.03 -4.27 -17.76
N VAL A 11 -8.38 -7.44 6.56
CA VAL A 11 -9.07 -6.12 6.55
C VAL A 11 -9.97 -5.93 7.78
N SER A 12 -11.01 -6.76 7.95
CA SER A 12 -12.22 -6.51 8.78
C SER A 12 -12.04 -6.04 10.23
N LEU A 13 -10.92 -6.36 10.89
CA LEU A 13 -10.58 -5.91 12.26
C LEU A 13 -9.16 -5.34 12.39
N ILE A 14 -8.53 -4.97 11.26
CA ILE A 14 -7.15 -4.48 11.16
C ILE A 14 -7.09 -3.10 10.47
N ASN A 15 -8.14 -2.73 9.72
CA ASN A 15 -8.23 -1.50 8.92
C ASN A 15 -9.57 -0.77 9.16
N GLU A 16 -9.97 -0.65 10.42
CA GLU A 16 -11.21 0.03 10.86
C GLU A 16 -11.23 1.53 10.47
N GLY A 17 -12.44 2.09 10.29
CA GLY A 17 -12.65 3.49 9.89
C GLY A 17 -12.64 3.73 8.37
N PRO A 18 -12.78 4.99 7.92
CA PRO A 18 -12.76 5.37 6.49
C PRO A 18 -11.36 5.24 5.87
N LEU A 19 -11.29 5.03 4.55
CA LEU A 19 -10.04 4.84 3.82
C LEU A 19 -9.31 6.18 3.51
N PRO A 20 -7.97 6.17 3.33
CA PRO A 20 -7.18 7.37 3.00
C PRO A 20 -7.47 7.93 1.58
N PRO A 21 -7.21 9.24 1.35
CA PRO A 21 -7.61 9.94 0.12
C PRO A 21 -6.76 9.52 -1.10
N GLY A 22 -7.38 8.85 -2.08
CA GLY A 22 -6.72 8.45 -3.33
C GLY A 22 -5.59 7.41 -3.17
N TRP A 23 -5.68 6.58 -2.13
CA TRP A 23 -4.71 5.53 -1.78
C TRP A 23 -5.37 4.14 -1.70
N GLU A 24 -4.55 3.10 -1.75
CA GLU A 24 -4.91 1.68 -1.69
C GLU A 24 -3.95 0.96 -0.73
N ILE A 25 -4.43 -0.09 -0.04
CA ILE A 25 -3.73 -0.75 1.08
C ILE A 25 -3.93 -2.25 0.97
N ARG A 26 -2.82 -2.99 0.86
CA ARG A 26 -2.80 -4.42 0.52
C ARG A 26 -1.92 -5.19 1.51
N TYR A 27 -2.33 -6.44 1.80
CA TYR A 27 -1.80 -7.27 2.87
C TYR A 27 -1.34 -8.61 2.28
N THR A 28 -0.04 -8.77 2.09
CA THR A 28 0.57 -9.93 1.43
C THR A 28 0.46 -11.21 2.28
N ALA A 29 0.50 -12.38 1.62
CA ALA A 29 0.47 -13.70 2.27
C ALA A 29 1.68 -13.97 3.19
N ALA A 30 2.73 -13.16 3.12
CA ALA A 30 3.87 -13.18 4.05
C ALA A 30 3.59 -12.51 5.41
N GLY A 31 2.40 -11.91 5.60
CA GLY A 31 1.99 -11.23 6.84
C GLY A 31 2.44 -9.77 6.93
N GLU A 32 2.55 -9.07 5.79
CA GLU A 32 3.07 -7.71 5.71
C GLU A 32 2.15 -6.79 4.88
N ARG A 33 1.89 -5.59 5.40
CA ARG A 33 1.08 -4.55 4.75
C ARG A 33 1.95 -3.61 3.92
N PHE A 34 1.41 -3.16 2.79
CA PHE A 34 1.97 -2.12 1.93
C PHE A 34 0.88 -1.16 1.45
N PHE A 35 1.29 0.03 1.03
CA PHE A 35 0.45 1.07 0.44
C PHE A 35 0.76 1.23 -1.05
N VAL A 36 -0.26 1.66 -1.81
CA VAL A 36 -0.26 1.76 -3.27
C VAL A 36 -0.85 3.10 -3.70
N ASP A 37 -0.09 3.88 -4.46
CA ASP A 37 -0.49 5.18 -5.00
C ASP A 37 -0.90 5.05 -6.47
N HIS A 38 -2.21 5.09 -6.73
CA HIS A 38 -2.76 5.04 -8.09
C HIS A 38 -2.40 6.27 -8.96
N ASN A 39 -2.00 7.39 -8.33
CA ASN A 39 -1.73 8.67 -9.00
C ASN A 39 -0.39 8.69 -9.79
N THR A 40 0.62 7.96 -9.30
CA THR A 40 1.96 7.86 -9.92
C THR A 40 2.46 6.41 -10.10
N ARG A 41 1.59 5.42 -9.80
CA ARG A 41 1.85 3.96 -9.80
C ARG A 41 2.85 3.48 -8.74
N ARG A 42 3.35 4.37 -7.87
CA ARG A 42 4.34 4.07 -6.81
C ARG A 42 3.73 3.31 -5.62
N THR A 43 4.61 2.80 -4.76
CA THR A 43 4.27 1.97 -3.58
C THR A 43 5.24 2.22 -2.42
N THR A 44 4.84 1.86 -1.20
CA THR A 44 5.67 1.99 0.02
C THR A 44 5.20 1.07 1.15
N PHE A 45 6.06 0.76 2.12
CA PHE A 45 5.75 -0.02 3.33
C PHE A 45 5.10 0.81 4.45
N GLU A 46 5.26 2.14 4.43
CA GLU A 46 4.90 3.06 5.51
C GLU A 46 4.04 4.24 5.04
N ASP A 47 3.79 5.24 5.90
CA ASP A 47 2.97 6.43 5.61
C ASP A 47 3.82 7.72 5.63
N PRO A 48 4.63 7.99 4.57
CA PRO A 48 5.47 9.18 4.47
C PRO A 48 4.64 10.45 4.15
N ARG A 49 5.33 11.57 3.90
CA ARG A 49 4.73 12.81 3.38
C ARG A 49 3.81 12.57 2.16
N PRO A 50 2.71 13.35 1.99
CA PRO A 50 1.77 13.17 0.88
C PRO A 50 2.38 13.52 -0.48
N GLY A 51 1.70 13.09 -1.56
CA GLY A 51 2.07 13.43 -2.95
C GLY A 51 1.91 14.92 -3.28
N ALA A 52 2.43 15.32 -4.45
CA ALA A 52 2.46 16.71 -4.92
C ALA A 52 2.29 16.78 -6.46
N PRO A 53 1.76 17.90 -7.01
CA PRO A 53 1.56 18.10 -8.45
C PRO A 53 2.90 18.23 -9.23
N ASN B 7 10.68 -0.94 9.29
CA ASN B 7 11.42 -2.22 9.24
C ASN B 7 12.11 -2.38 7.89
N THR B 8 13.43 -2.50 7.88
CA THR B 8 14.27 -2.69 6.68
C THR B 8 14.28 -4.14 6.18
N GLY B 9 14.52 -4.33 4.87
CA GLY B 9 14.68 -5.63 4.21
C GLY B 9 13.88 -5.76 2.91
N ALA B 10 14.39 -6.55 1.95
CA ALA B 10 13.78 -6.79 0.64
C ALA B 10 12.70 -7.89 0.68
N LYS B 11 11.61 -7.65 1.43
CA LYS B 11 10.41 -8.49 1.47
C LYS B 11 9.64 -8.50 0.13
N GLN B 12 8.50 -9.19 0.07
CA GLN B 12 7.64 -9.27 -1.14
C GLN B 12 7.36 -7.87 -1.75
N PRO B 13 7.69 -7.62 -3.04
CA PRO B 13 7.51 -6.32 -3.65
C PRO B 13 6.02 -6.02 -3.93
N PRO B 14 5.45 -4.90 -3.42
CA PRO B 14 4.09 -4.48 -3.77
C PRO B 14 4.02 -3.98 -5.22
N SER B 15 3.12 -4.56 -6.01
CA SER B 15 2.92 -4.25 -7.44
C SER B 15 1.46 -4.47 -7.83
N TYR B 16 0.64 -3.41 -7.79
CA TYR B 16 -0.78 -3.46 -8.13
C TYR B 16 -0.98 -3.18 -9.63
N GLU B 17 -1.19 -1.92 -10.05
CA GLU B 17 -1.21 -1.53 -11.47
C GLU B 17 0.09 -1.86 -12.22
N ASP B 18 1.24 -1.88 -11.52
CA ASP B 18 2.53 -2.27 -12.10
C ASP B 18 2.60 -3.75 -12.50
N CYS B 19 1.72 -4.61 -11.97
CA CYS B 19 1.59 -6.02 -12.33
C CYS B 19 0.47 -6.26 -13.37
N ILE B 20 -0.70 -5.63 -13.20
CA ILE B 20 -1.89 -5.87 -14.04
C ILE B 20 -1.89 -5.09 -15.39
N LYS B 21 -0.72 -4.73 -15.92
CA LYS B 21 -0.52 -3.97 -17.17
C LYS B 21 0.33 -4.72 -18.21
N VAL A 11 -17.41 -8.12 12.31
CA VAL A 11 -17.38 -6.63 12.20
C VAL A 11 -16.12 -5.99 12.81
N SER A 12 -15.79 -6.28 14.08
CA SER A 12 -14.91 -5.50 14.96
C SER A 12 -13.49 -5.14 14.47
N LEU A 13 -12.89 -5.94 13.58
CA LEU A 13 -11.59 -5.65 12.94
C LEU A 13 -11.62 -5.75 11.40
N ILE A 14 -12.83 -5.75 10.82
CA ILE A 14 -13.10 -5.92 9.37
C ILE A 14 -13.87 -4.70 8.80
N ASN A 15 -14.51 -3.91 9.68
CA ASN A 15 -15.27 -2.70 9.35
C ASN A 15 -14.74 -1.50 10.16
N GLU A 16 -13.42 -1.32 10.10
CA GLU A 16 -12.68 -0.18 10.67
C GLU A 16 -13.05 1.18 10.01
N GLY A 17 -12.39 2.27 10.43
CA GLY A 17 -12.56 3.62 9.86
C GLY A 17 -12.36 3.74 8.33
N PRO A 18 -12.80 4.86 7.72
CA PRO A 18 -12.85 5.02 6.27
C PRO A 18 -11.45 5.03 5.61
N LEU A 19 -11.38 4.57 4.36
CA LEU A 19 -10.11 4.40 3.62
C LEU A 19 -9.42 5.75 3.30
N PRO A 20 -8.07 5.79 3.17
CA PRO A 20 -7.32 7.01 2.86
C PRO A 20 -7.59 7.57 1.44
N PRO A 21 -7.41 8.88 1.21
CA PRO A 21 -7.84 9.58 -0.01
C PRO A 21 -7.03 9.20 -1.25
N GLY A 22 -7.66 8.55 -2.23
CA GLY A 22 -7.03 8.17 -3.50
C GLY A 22 -5.90 7.14 -3.38
N TRP A 23 -5.98 6.27 -2.37
CA TRP A 23 -4.97 5.25 -2.02
C TRP A 23 -5.56 3.83 -2.05
N GLU A 24 -4.68 2.84 -2.10
CA GLU A 24 -4.98 1.41 -1.91
C GLU A 24 -3.97 0.80 -0.92
N ILE A 25 -4.41 -0.21 -0.17
CA ILE A 25 -3.67 -0.80 0.97
C ILE A 25 -3.87 -2.32 0.93
N ARG A 26 -2.77 -3.07 0.87
CA ARG A 26 -2.77 -4.53 0.67
C ARG A 26 -1.90 -5.23 1.71
N TYR A 27 -2.15 -6.52 1.91
CA TYR A 27 -1.58 -7.34 2.98
C TYR A 27 -1.07 -8.65 2.37
N THR A 28 0.25 -8.79 2.21
CA THR A 28 0.88 -9.94 1.54
C THR A 28 0.79 -11.21 2.39
N ALA A 29 0.90 -12.38 1.75
CA ALA A 29 0.90 -13.67 2.45
C ALA A 29 2.09 -13.88 3.42
N ALA A 30 3.16 -13.06 3.29
CA ALA A 30 4.25 -12.97 4.27
C ALA A 30 3.83 -12.33 5.61
N GLY A 31 2.66 -11.69 5.68
CA GLY A 31 2.12 -11.02 6.87
C GLY A 31 2.40 -9.51 6.91
N GLU A 32 2.71 -8.88 5.77
CA GLU A 32 3.22 -7.51 5.68
C GLU A 32 2.26 -6.59 4.93
N ARG A 33 1.94 -5.43 5.53
CA ARG A 33 1.11 -4.38 4.90
C ARG A 33 1.97 -3.46 4.02
N PHE A 34 1.40 -3.06 2.88
CA PHE A 34 1.95 -2.07 1.95
C PHE A 34 0.84 -1.16 1.43
N PHE A 35 1.24 0.01 0.93
CA PHE A 35 0.37 1.02 0.33
C PHE A 35 0.73 1.25 -1.14
N VAL A 36 -0.27 1.60 -1.96
CA VAL A 36 -0.18 1.76 -3.41
C VAL A 36 -0.87 3.07 -3.83
N ASP A 37 -0.13 3.92 -4.55
CA ASP A 37 -0.61 5.17 -5.11
C ASP A 37 -0.95 5.00 -6.60
N HIS A 38 -2.24 4.98 -6.93
CA HIS A 38 -2.71 4.89 -8.32
C HIS A 38 -2.40 6.15 -9.16
N ASN A 39 -2.17 7.30 -8.52
CA ASN A 39 -1.96 8.60 -9.17
C ASN A 39 -0.62 8.68 -9.93
N THR A 40 0.42 7.98 -9.45
CA THR A 40 1.79 7.97 -10.01
C THR A 40 2.40 6.56 -10.15
N ARG A 41 1.60 5.51 -9.86
CA ARG A 41 1.97 4.07 -9.80
C ARG A 41 2.99 3.71 -8.69
N ARG A 42 3.33 4.65 -7.80
CA ARG A 42 4.26 4.46 -6.67
C ARG A 42 3.72 3.53 -5.58
N THR A 43 4.62 3.07 -4.71
CA THR A 43 4.34 2.16 -3.57
C THR A 43 5.25 2.46 -2.38
N THR A 44 4.81 2.06 -1.17
CA THR A 44 5.56 2.25 0.09
C THR A 44 5.11 1.26 1.16
N PHE A 45 6.02 0.80 2.02
CA PHE A 45 5.73 -0.04 3.18
C PHE A 45 5.08 0.76 4.33
N GLU A 46 5.52 2.01 4.53
CA GLU A 46 5.05 2.92 5.57
C GLU A 46 4.15 4.04 4.98
N ASP A 47 3.74 5.01 5.80
CA ASP A 47 2.84 6.11 5.41
C ASP A 47 3.56 7.48 5.49
N PRO A 48 4.41 7.82 4.51
CA PRO A 48 5.18 9.08 4.45
C PRO A 48 4.29 10.28 4.05
N ARG A 49 4.92 11.39 3.65
CA ARG A 49 4.27 12.66 3.24
C ARG A 49 4.53 12.99 1.75
N PRO A 50 4.05 12.18 0.78
CA PRO A 50 4.26 12.45 -0.65
C PRO A 50 3.49 13.68 -1.17
N GLY A 51 2.53 14.21 -0.41
CA GLY A 51 1.85 15.48 -0.68
C GLY A 51 2.68 16.74 -0.35
N ALA A 52 3.77 16.60 0.41
CA ALA A 52 4.72 17.69 0.68
C ALA A 52 5.52 18.09 -0.59
N PRO A 53 6.02 19.34 -0.69
CA PRO A 53 6.82 19.80 -1.83
C PRO A 53 8.20 19.10 -1.94
N ASN B 7 11.54 0.24 6.41
CA ASN B 7 11.85 -0.38 7.73
C ASN B 7 11.87 -1.92 7.61
N THR B 8 12.32 -2.64 8.64
CA THR B 8 12.46 -4.12 8.64
C THR B 8 11.11 -4.85 8.69
N GLY B 9 10.50 -5.08 7.53
CA GLY B 9 9.20 -5.74 7.40
C GLY B 9 8.76 -6.01 5.96
N ALA B 10 9.65 -6.48 5.09
CA ALA B 10 9.36 -6.72 3.67
C ALA B 10 9.93 -8.06 3.16
N LYS B 11 9.10 -8.79 2.41
CA LYS B 11 9.42 -10.13 1.85
C LYS B 11 8.85 -10.38 0.43
N GLN B 12 7.95 -9.51 -0.03
CA GLN B 12 7.31 -9.54 -1.36
C GLN B 12 7.18 -8.09 -1.89
N PRO B 13 7.51 -7.81 -3.17
CA PRO B 13 7.39 -6.47 -3.73
C PRO B 13 5.91 -6.12 -3.98
N PRO B 14 5.40 -4.96 -3.51
CA PRO B 14 4.05 -4.50 -3.84
C PRO B 14 3.98 -4.04 -5.30
N SER B 15 3.11 -4.69 -6.09
CA SER B 15 2.89 -4.41 -7.52
C SER B 15 1.44 -4.67 -7.88
N TYR B 16 0.58 -3.66 -7.75
CA TYR B 16 -0.83 -3.72 -8.16
C TYR B 16 -0.95 -3.28 -9.63
N GLU B 17 -1.07 -1.97 -9.88
CA GLU B 17 -1.20 -1.37 -11.21
C GLU B 17 0.02 -1.65 -12.10
N ASP B 18 1.22 -1.70 -11.49
CA ASP B 18 2.48 -2.04 -12.16
C ASP B 18 2.58 -3.52 -12.60
N CYS B 19 1.72 -4.41 -12.08
CA CYS B 19 1.65 -5.82 -12.47
C CYS B 19 0.53 -6.07 -13.50
N ILE B 20 -0.65 -5.45 -13.31
CA ILE B 20 -1.84 -5.64 -14.17
C ILE B 20 -1.80 -4.84 -15.50
N LYS B 21 -0.61 -4.53 -16.02
CA LYS B 21 -0.36 -3.78 -17.27
C LYS B 21 0.67 -4.43 -18.20
N VAL A 11 -8.95 -7.69 7.29
CA VAL A 11 -9.69 -6.40 7.16
C VAL A 11 -10.45 -6.03 8.45
N SER A 12 -11.43 -6.83 8.88
CA SER A 12 -12.52 -6.48 9.82
C SER A 12 -12.18 -5.79 11.15
N LEU A 13 -10.96 -5.98 11.67
CA LEU A 13 -10.44 -5.33 12.89
C LEU A 13 -9.01 -4.77 12.75
N ILE A 14 -8.52 -4.61 11.51
CA ILE A 14 -7.15 -4.18 11.15
C ILE A 14 -7.18 -2.98 10.16
N ASN A 15 -8.36 -2.64 9.63
CA ASN A 15 -8.60 -1.58 8.64
C ASN A 15 -9.79 -0.68 9.05
N GLU A 16 -9.96 -0.45 10.37
CA GLU A 16 -11.04 0.36 10.95
C GLU A 16 -11.08 1.81 10.43
N GLY A 17 -12.29 2.39 10.37
CA GLY A 17 -12.53 3.75 9.85
C GLY A 17 -12.58 3.85 8.31
N PRO A 18 -12.78 5.06 7.75
CA PRO A 18 -12.78 5.30 6.31
C PRO A 18 -11.36 5.16 5.69
N LEU A 19 -11.29 4.80 4.41
CA LEU A 19 -10.01 4.61 3.69
C LEU A 19 -9.31 5.96 3.39
N PRO A 20 -7.96 5.98 3.22
CA PRO A 20 -7.20 7.20 2.92
C PRO A 20 -7.48 7.76 1.50
N PRO A 21 -7.28 9.08 1.28
CA PRO A 21 -7.70 9.78 0.06
C PRO A 21 -6.85 9.41 -1.16
N GLY A 22 -7.44 8.73 -2.14
CA GLY A 22 -6.79 8.38 -3.42
C GLY A 22 -5.65 7.35 -3.30
N TRP A 23 -5.72 6.46 -2.30
CA TRP A 23 -4.74 5.41 -1.99
C TRP A 23 -5.40 4.02 -1.94
N GLU A 24 -4.58 2.98 -2.07
CA GLU A 24 -4.92 1.56 -1.84
C GLU A 24 -3.91 0.95 -0.85
N ILE A 25 -4.35 -0.05 -0.09
CA ILE A 25 -3.62 -0.63 1.05
C ILE A 25 -3.85 -2.14 1.02
N ARG A 26 -2.76 -2.92 0.96
CA ARG A 26 -2.81 -4.37 0.77
C ARG A 26 -1.92 -5.11 1.79
N TYR A 27 -2.19 -6.40 1.95
CA TYR A 27 -1.59 -7.26 2.97
C TYR A 27 -1.07 -8.53 2.28
N THR A 28 0.25 -8.63 2.08
CA THR A 28 0.87 -9.79 1.40
C THR A 28 0.79 -11.05 2.27
N ALA A 29 0.62 -12.22 1.65
CA ALA A 29 0.46 -13.51 2.35
C ALA A 29 1.63 -13.89 3.29
N ALA A 30 2.82 -13.30 3.08
CA ALA A 30 3.99 -13.43 3.93
C ALA A 30 3.88 -12.70 5.30
N GLY A 31 2.85 -11.86 5.51
CA GLY A 31 2.51 -11.28 6.82
C GLY A 31 2.88 -9.80 7.00
N GLU A 32 2.79 -8.98 5.95
CA GLU A 32 3.15 -7.54 5.97
C GLU A 32 2.13 -6.67 5.21
N ARG A 33 2.03 -5.39 5.60
CA ARG A 33 1.17 -4.38 4.96
C ARG A 33 2.00 -3.42 4.10
N PHE A 34 1.42 -3.01 2.96
CA PHE A 34 2.00 -2.09 1.99
C PHE A 34 0.93 -1.12 1.46
N PHE A 35 1.39 0.01 0.91
CA PHE A 35 0.54 1.09 0.38
C PHE A 35 0.85 1.33 -1.10
N VAL A 36 -0.19 1.73 -1.85
CA VAL A 36 -0.22 1.78 -3.32
C VAL A 36 -0.85 3.10 -3.78
N ASP A 37 -0.12 3.85 -4.60
CA ASP A 37 -0.54 5.13 -5.16
C ASP A 37 -0.92 4.97 -6.64
N HIS A 38 -2.22 5.00 -6.95
CA HIS A 38 -2.71 4.92 -8.33
C HIS A 38 -2.41 6.17 -9.18
N ASN A 39 -2.07 7.30 -8.54
CA ASN A 39 -1.84 8.59 -9.21
C ASN A 39 -0.52 8.63 -10.01
N THR A 40 0.51 7.89 -9.56
CA THR A 40 1.85 7.83 -10.15
C THR A 40 2.41 6.39 -10.26
N ARG A 41 1.59 5.38 -9.95
CA ARG A 41 1.91 3.94 -9.89
C ARG A 41 2.91 3.54 -8.79
N ARG A 42 3.25 4.45 -7.86
CA ARG A 42 4.24 4.23 -6.79
C ARG A 42 3.69 3.36 -5.65
N THR A 43 4.60 2.91 -4.79
CA THR A 43 4.34 2.06 -3.61
C THR A 43 5.28 2.40 -2.46
N THR A 44 4.89 2.08 -1.23
CA THR A 44 5.70 2.34 -0.02
C THR A 44 5.31 1.42 1.16
N PHE A 45 6.20 1.31 2.14
CA PHE A 45 6.11 0.43 3.31
C PHE A 45 5.29 1.06 4.47
N GLU A 46 5.02 2.37 4.41
CA GLU A 46 4.42 3.18 5.47
C GLU A 46 3.63 4.37 4.91
N ASP A 47 3.28 5.37 5.73
CA ASP A 47 2.56 6.59 5.32
C ASP A 47 3.41 7.85 5.60
N PRO A 48 4.42 8.16 4.77
CA PRO A 48 5.32 9.30 4.95
C PRO A 48 4.64 10.64 4.58
N ARG A 49 5.37 11.76 4.75
CA ARG A 49 4.98 13.10 4.27
C ARG A 49 4.66 13.11 2.75
N PRO A 50 3.78 14.02 2.28
CA PRO A 50 3.31 14.04 0.89
C PRO A 50 4.35 14.52 -0.14
N GLY A 51 5.44 15.16 0.30
CA GLY A 51 6.52 15.65 -0.56
C GLY A 51 6.31 17.11 -0.99
N ALA A 52 6.78 18.05 -0.17
CA ALA A 52 6.61 19.50 -0.37
C ALA A 52 7.95 20.28 -0.22
N PRO A 53 8.97 19.98 -1.05
CA PRO A 53 10.27 20.67 -1.03
C PRO A 53 10.19 22.17 -1.41
N ASN B 7 11.40 -0.90 12.63
CA ASN B 7 12.05 -1.32 11.36
C ASN B 7 11.17 -2.33 10.61
N THR B 8 11.41 -2.50 9.31
CA THR B 8 10.75 -3.46 8.41
C THR B 8 11.78 -4.17 7.51
N GLY B 9 11.40 -5.29 6.90
CA GLY B 9 12.27 -6.14 6.08
C GLY B 9 11.83 -6.29 4.61
N ALA B 10 12.73 -6.82 3.78
CA ALA B 10 12.56 -7.01 2.33
C ALA B 10 11.62 -8.18 1.98
N LYS B 11 10.37 -8.12 2.42
CA LYS B 11 9.26 -9.02 2.03
C LYS B 11 8.90 -8.88 0.53
N GLN B 12 7.90 -9.63 0.06
CA GLN B 12 7.42 -9.60 -1.33
C GLN B 12 7.16 -8.15 -1.83
N PRO B 13 7.62 -7.77 -3.03
CA PRO B 13 7.46 -6.41 -3.53
C PRO B 13 5.99 -6.10 -3.86
N PRO B 14 5.43 -4.97 -3.41
CA PRO B 14 4.07 -4.56 -3.77
C PRO B 14 4.01 -4.12 -5.25
N SER B 15 3.12 -4.75 -6.01
CA SER B 15 2.92 -4.50 -7.46
C SER B 15 1.45 -4.72 -7.82
N TYR B 16 0.61 -3.70 -7.61
CA TYR B 16 -0.81 -3.73 -7.98
C TYR B 16 -0.98 -3.40 -9.48
N GLU B 17 -1.11 -2.12 -9.84
CA GLU B 17 -1.18 -1.69 -11.25
C GLU B 17 0.08 -2.08 -12.05
N ASP B 18 1.26 -2.01 -11.43
CA ASP B 18 2.53 -2.37 -12.09
C ASP B 18 2.65 -3.87 -12.43
N CYS B 19 1.74 -4.72 -11.94
CA CYS B 19 1.57 -6.11 -12.37
C CYS B 19 0.44 -6.28 -13.41
N ILE B 20 -0.72 -5.61 -13.22
CA ILE B 20 -1.90 -5.81 -14.08
C ILE B 20 -1.91 -4.98 -15.38
N LYS B 21 -0.98 -4.03 -15.57
CA LYS B 21 -0.79 -3.27 -16.82
C LYS B 21 0.67 -3.27 -17.32
N VAL A 11 -2.30 -1.18 14.67
CA VAL A 11 -3.18 -0.48 13.68
C VAL A 11 -4.57 -1.12 13.59
N SER A 12 -4.67 -2.40 13.20
CA SER A 12 -5.88 -3.06 12.64
C SER A 12 -7.21 -2.98 13.41
N LEU A 13 -7.18 -2.70 14.73
CA LEU A 13 -8.37 -2.49 15.57
C LEU A 13 -8.25 -1.27 16.51
N ILE A 14 -7.32 -0.35 16.22
CA ILE A 14 -6.99 0.84 17.02
C ILE A 14 -7.06 2.13 16.18
N ASN A 15 -7.03 2.01 14.84
CA ASN A 15 -7.05 3.13 13.87
C ASN A 15 -8.24 3.04 12.89
N GLU A 16 -9.33 2.37 13.30
CA GLU A 16 -10.55 2.15 12.51
C GLU A 16 -11.18 3.46 11.99
N GLY A 17 -11.63 3.45 10.72
CA GLY A 17 -12.21 4.59 10.02
C GLY A 17 -12.32 4.39 8.50
N PRO A 18 -12.75 5.41 7.74
CA PRO A 18 -12.81 5.36 6.27
C PRO A 18 -11.41 5.28 5.64
N LEU A 19 -11.32 4.76 4.40
CA LEU A 19 -10.05 4.56 3.69
C LEU A 19 -9.35 5.90 3.32
N PRO A 20 -8.01 5.93 3.19
CA PRO A 20 -7.25 7.14 2.88
C PRO A 20 -7.52 7.69 1.45
N PRO A 21 -7.36 9.02 1.23
CA PRO A 21 -7.82 9.70 0.02
C PRO A 21 -6.96 9.35 -1.21
N GLY A 22 -7.54 8.65 -2.19
CA GLY A 22 -6.89 8.30 -3.46
C GLY A 22 -5.76 7.25 -3.34
N TRP A 23 -5.80 6.42 -2.30
CA TRP A 23 -4.81 5.37 -2.01
C TRP A 23 -5.48 3.97 -1.97
N GLU A 24 -4.64 2.94 -2.07
CA GLU A 24 -4.99 1.53 -1.87
C GLU A 24 -3.96 0.88 -0.92
N ILE A 25 -4.38 -0.16 -0.19
CA ILE A 25 -3.63 -0.79 0.90
C ILE A 25 -3.83 -2.31 0.83
N ARG A 26 -2.73 -3.08 0.92
CA ARG A 26 -2.70 -4.53 0.69
C ARG A 26 -1.93 -5.23 1.81
N TYR A 27 -2.29 -6.49 2.08
CA TYR A 27 -1.77 -7.32 3.17
C TYR A 27 -1.23 -8.64 2.58
N THR A 28 0.09 -8.70 2.40
CA THR A 28 0.75 -9.82 1.69
C THR A 28 0.84 -11.09 2.56
N ALA A 29 0.97 -12.26 1.93
CA ALA A 29 1.01 -13.57 2.59
C ALA A 29 2.21 -13.77 3.54
N ALA A 30 3.26 -12.94 3.44
CA ALA A 30 4.37 -12.89 4.40
C ALA A 30 3.99 -12.25 5.77
N GLY A 31 2.80 -11.66 5.88
CA GLY A 31 2.34 -10.93 7.07
C GLY A 31 2.76 -9.45 7.05
N GLU A 32 2.91 -8.85 5.87
CA GLU A 32 3.45 -7.50 5.68
C GLU A 32 2.47 -6.61 4.89
N ARG A 33 2.07 -5.47 5.49
CA ARG A 33 1.21 -4.46 4.87
C ARG A 33 2.02 -3.51 3.98
N PHE A 34 1.42 -3.09 2.85
CA PHE A 34 1.97 -2.11 1.93
C PHE A 34 0.88 -1.18 1.39
N PHE A 35 1.29 -0.04 0.84
CA PHE A 35 0.44 1.00 0.26
C PHE A 35 0.73 1.20 -1.22
N VAL A 36 -0.26 1.67 -1.96
CA VAL A 36 -0.31 1.76 -3.43
C VAL A 36 -0.97 3.09 -3.83
N ASP A 37 -0.28 3.87 -4.68
CA ASP A 37 -0.76 5.16 -5.20
C ASP A 37 -1.12 5.03 -6.69
N HIS A 38 -2.41 5.03 -7.00
CA HIS A 38 -2.91 4.97 -8.38
C HIS A 38 -2.64 6.24 -9.21
N ASN A 39 -2.29 7.36 -8.55
CA ASN A 39 -2.05 8.65 -9.21
C ASN A 39 -0.70 8.69 -9.98
N THR A 40 0.31 7.94 -9.52
CA THR A 40 1.68 7.90 -10.09
C THR A 40 2.26 6.49 -10.21
N ARG A 41 1.48 5.45 -9.86
CA ARG A 41 1.85 4.02 -9.80
C ARG A 41 2.88 3.66 -8.70
N ARG A 42 3.24 4.61 -7.84
CA ARG A 42 4.17 4.44 -6.70
C ARG A 42 3.60 3.51 -5.63
N THR A 43 4.49 3.01 -4.76
CA THR A 43 4.18 2.12 -3.62
C THR A 43 5.12 2.38 -2.44
N THR A 44 4.77 1.90 -1.24
CA THR A 44 5.61 2.02 -0.03
C THR A 44 5.20 1.03 1.08
N PHE A 45 6.09 0.79 2.03
CA PHE A 45 5.90 -0.03 3.24
C PHE A 45 5.38 0.79 4.45
N GLU A 46 5.36 2.13 4.36
CA GLU A 46 5.03 3.04 5.47
C GLU A 46 4.06 4.17 5.04
N ASP A 47 3.84 5.17 5.91
CA ASP A 47 2.87 6.25 5.69
C ASP A 47 3.57 7.64 5.63
N PRO A 48 4.29 7.95 4.54
CA PRO A 48 4.99 9.22 4.36
C PRO A 48 4.05 10.40 4.06
N ARG A 49 4.60 11.61 3.93
CA ARG A 49 3.89 12.82 3.46
C ARG A 49 3.22 12.61 2.08
N PRO A 50 2.10 13.31 1.78
CA PRO A 50 1.36 13.13 0.53
C PRO A 50 2.03 13.73 -0.71
N GLY A 51 3.08 14.55 -0.55
CA GLY A 51 3.85 15.16 -1.65
C GLY A 51 5.24 14.53 -1.82
N ALA A 52 5.85 14.74 -2.99
CA ALA A 52 7.17 14.22 -3.34
C ALA A 52 8.32 14.83 -2.49
N PRO A 53 9.44 14.10 -2.26
CA PRO A 53 10.61 14.60 -1.53
C PRO A 53 11.35 15.72 -2.30
N ASN B 7 11.77 -3.00 13.19
CA ASN B 7 11.49 -4.31 12.54
C ASN B 7 11.75 -4.23 11.03
N THR B 8 12.09 -5.36 10.41
CA THR B 8 12.46 -5.47 8.97
C THR B 8 11.91 -6.75 8.33
N GLY B 9 11.87 -6.79 6.99
CA GLY B 9 11.51 -7.98 6.20
C GLY B 9 11.41 -7.67 4.71
N ALA B 10 10.34 -6.95 4.32
CA ALA B 10 10.02 -6.49 2.97
C ALA B 10 10.19 -7.56 1.86
N LYS B 11 9.83 -8.82 2.13
CA LYS B 11 10.06 -9.99 1.26
C LYS B 11 8.93 -10.26 0.24
N GLN B 12 8.01 -9.30 0.08
CA GLN B 12 6.90 -9.33 -0.87
C GLN B 12 6.79 -7.96 -1.58
N PRO B 13 7.33 -7.80 -2.80
CA PRO B 13 7.31 -6.50 -3.50
C PRO B 13 5.88 -6.10 -3.92
N PRO B 14 5.37 -4.91 -3.50
CA PRO B 14 4.05 -4.44 -3.89
C PRO B 14 4.02 -3.99 -5.36
N SER B 15 3.14 -4.60 -6.16
CA SER B 15 2.97 -4.34 -7.59
C SER B 15 1.50 -4.56 -8.00
N TYR B 16 0.67 -3.52 -7.87
CA TYR B 16 -0.75 -3.56 -8.25
C TYR B 16 -0.93 -3.18 -9.74
N GLU B 17 -1.08 -1.88 -10.06
CA GLU B 17 -1.14 -1.41 -11.45
C GLU B 17 0.15 -1.69 -12.23
N ASP B 18 1.30 -1.71 -11.56
CA ASP B 18 2.60 -2.04 -12.17
C ASP B 18 2.74 -3.52 -12.58
N CYS B 19 1.77 -4.38 -12.20
CA CYS B 19 1.68 -5.79 -12.62
C CYS B 19 0.57 -6.01 -13.67
N ILE B 20 -0.60 -5.39 -13.52
CA ILE B 20 -1.74 -5.54 -14.46
C ILE B 20 -1.63 -4.68 -15.74
N LYS B 21 -0.49 -3.99 -15.94
CA LYS B 21 -0.12 -3.23 -17.16
C LYS B 21 1.09 -3.85 -17.86
N VAL A 11 -12.58 -9.99 10.18
CA VAL A 11 -12.63 -8.75 11.01
C VAL A 11 -11.47 -7.79 10.70
N SER A 12 -10.20 -8.19 10.87
CA SER A 12 -9.02 -7.31 11.05
C SER A 12 -8.80 -6.17 10.05
N LEU A 13 -9.22 -6.32 8.78
CA LEU A 13 -9.15 -5.28 7.74
C LEU A 13 -10.50 -5.04 7.00
N ILE A 14 -11.60 -5.53 7.57
CA ILE A 14 -12.96 -5.53 6.98
C ILE A 14 -13.99 -4.84 7.92
N ASN A 15 -13.59 -4.50 9.15
CA ASN A 15 -14.44 -3.92 10.21
C ASN A 15 -13.84 -2.62 10.80
N GLU A 16 -13.07 -1.88 10.00
CA GLU A 16 -12.35 -0.66 10.38
C GLU A 16 -13.03 0.64 9.88
N GLY A 17 -12.41 1.79 10.14
CA GLY A 17 -12.83 3.12 9.66
C GLY A 17 -12.66 3.34 8.13
N PRO A 18 -12.95 4.57 7.64
CA PRO A 18 -12.93 4.89 6.20
C PRO A 18 -11.50 4.87 5.60
N LEU A 19 -11.41 4.58 4.30
CA LEU A 19 -10.13 4.46 3.59
C LEU A 19 -9.44 5.83 3.31
N PRO A 20 -8.10 5.88 3.14
CA PRO A 20 -7.36 7.11 2.83
C PRO A 20 -7.65 7.66 1.41
N PRO A 21 -7.44 8.97 1.17
CA PRO A 21 -7.84 9.66 -0.06
C PRO A 21 -7.00 9.28 -1.28
N GLY A 22 -7.60 8.61 -2.27
CA GLY A 22 -6.94 8.23 -3.54
C GLY A 22 -5.78 7.23 -3.39
N TRP A 23 -5.82 6.40 -2.34
CA TRP A 23 -4.82 5.38 -2.00
C TRP A 23 -5.46 3.98 -1.96
N GLU A 24 -4.62 2.95 -2.06
CA GLU A 24 -4.96 1.54 -1.89
C GLU A 24 -3.96 0.88 -0.91
N ILE A 25 -4.40 -0.15 -0.19
CA ILE A 25 -3.69 -0.76 0.94
C ILE A 25 -3.89 -2.27 0.89
N ARG A 26 -2.79 -3.03 0.85
CA ARG A 26 -2.77 -4.48 0.61
C ARG A 26 -1.93 -5.20 1.67
N TYR A 27 -2.22 -6.48 1.85
CA TYR A 27 -1.69 -7.32 2.94
C TYR A 27 -1.10 -8.60 2.33
N THR A 28 0.21 -8.58 2.07
CA THR A 28 0.93 -9.71 1.44
C THR A 28 0.97 -10.94 2.36
N ALA A 29 0.91 -12.14 1.78
CA ALA A 29 0.87 -13.41 2.52
C ALA A 29 2.10 -13.68 3.43
N ALA A 30 3.20 -12.94 3.24
CA ALA A 30 4.34 -12.87 4.15
C ALA A 30 4.02 -12.32 5.57
N GLY A 31 2.82 -11.74 5.78
CA GLY A 31 2.38 -11.19 7.06
C GLY A 31 2.72 -9.71 7.25
N GLU A 32 2.63 -8.92 6.17
CA GLU A 32 3.01 -7.49 6.12
C GLU A 32 1.96 -6.66 5.38
N ARG A 33 1.95 -5.34 5.64
CA ARG A 33 1.08 -4.35 4.99
C ARG A 33 1.91 -3.39 4.13
N PHE A 34 1.38 -3.07 2.96
CA PHE A 34 1.96 -2.12 2.00
C PHE A 34 0.87 -1.19 1.45
N PHE A 35 1.29 -0.03 0.96
CA PHE A 35 0.45 1.01 0.40
C PHE A 35 0.78 1.22 -1.09
N VAL A 36 -0.23 1.62 -1.85
CA VAL A 36 -0.25 1.68 -3.32
C VAL A 36 -0.91 2.99 -3.75
N ASP A 37 -0.21 3.75 -4.58
CA ASP A 37 -0.69 5.02 -5.16
C ASP A 37 -0.97 4.83 -6.66
N HIS A 38 -2.24 4.99 -7.05
CA HIS A 38 -2.67 4.88 -8.46
C HIS A 38 -2.34 6.12 -9.30
N ASN A 39 -2.05 7.26 -8.66
CA ASN A 39 -1.84 8.56 -9.31
C ASN A 39 -0.51 8.65 -10.08
N THR A 40 0.55 7.99 -9.58
CA THR A 40 1.89 7.89 -10.22
C THR A 40 2.43 6.45 -10.25
N ARG A 41 1.59 5.46 -9.92
CA ARG A 41 1.90 4.00 -9.84
C ARG A 41 2.88 3.60 -8.73
N ARG A 42 3.24 4.53 -7.83
CA ARG A 42 4.17 4.32 -6.70
C ARG A 42 3.64 3.36 -5.62
N THR A 43 4.55 2.89 -4.79
CA THR A 43 4.29 1.98 -3.65
C THR A 43 5.24 2.27 -2.47
N THR A 44 4.84 1.90 -1.25
CA THR A 44 5.64 2.08 -0.03
C THR A 44 5.20 1.12 1.10
N PHE A 45 6.11 0.84 2.04
CA PHE A 45 5.86 0.02 3.23
C PHE A 45 5.31 0.82 4.44
N GLU A 46 5.43 2.15 4.41
CA GLU A 46 5.02 3.05 5.51
C GLU A 46 3.95 4.07 5.04
N ASP A 47 3.66 5.09 5.85
CA ASP A 47 2.66 6.13 5.54
C ASP A 47 3.34 7.52 5.46
N PRO A 48 4.09 7.80 4.37
CA PRO A 48 4.81 9.06 4.17
C PRO A 48 3.86 10.22 3.78
N ARG A 49 4.43 11.37 3.40
CA ARG A 49 3.71 12.54 2.84
C ARG A 49 2.68 12.15 1.74
N PRO A 50 1.52 12.85 1.64
CA PRO A 50 0.52 12.56 0.61
C PRO A 50 0.95 13.00 -0.80
N GLY A 51 1.87 13.97 -0.90
CA GLY A 51 2.41 14.49 -2.16
C GLY A 51 2.65 16.00 -2.08
N ALA A 52 1.91 16.75 -2.90
CA ALA A 52 1.91 18.22 -2.98
C ALA A 52 0.49 18.77 -3.33
N PRO A 53 -0.52 18.58 -2.45
CA PRO A 53 -1.91 19.02 -2.69
C PRO A 53 -2.06 20.56 -2.82
N ASN B 7 16.14 -12.85 7.70
CA ASN B 7 16.39 -11.39 7.75
C ASN B 7 17.52 -10.98 6.79
N THR B 8 17.18 -10.64 5.54
CA THR B 8 18.15 -10.35 4.45
C THR B 8 17.76 -9.13 3.59
N GLY B 9 16.81 -8.30 4.06
CA GLY B 9 16.36 -7.10 3.34
C GLY B 9 15.46 -7.39 2.13
N ALA B 10 14.68 -8.48 2.18
CA ALA B 10 13.79 -8.95 1.11
C ALA B 10 12.42 -9.36 1.65
N LYS B 11 11.36 -9.07 0.87
CA LYS B 11 9.95 -9.43 1.11
C LYS B 11 9.20 -9.52 -0.23
N GLN B 12 7.90 -9.86 -0.21
CA GLN B 12 7.03 -9.74 -1.39
C GLN B 12 6.95 -8.27 -1.85
N PRO B 13 7.36 -7.94 -3.09
CA PRO B 13 7.28 -6.56 -3.59
C PRO B 13 5.81 -6.18 -3.90
N PRO B 14 5.29 -5.04 -3.40
CA PRO B 14 3.97 -4.55 -3.79
C PRO B 14 3.98 -4.12 -5.27
N SER B 15 3.00 -4.57 -6.04
CA SER B 15 2.87 -4.32 -7.49
C SER B 15 1.42 -4.53 -7.93
N TYR B 16 0.54 -3.59 -7.58
CA TYR B 16 -0.87 -3.63 -7.98
C TYR B 16 -1.04 -3.26 -9.47
N GLU B 17 -1.07 -1.97 -9.82
CA GLU B 17 -1.18 -1.53 -11.22
C GLU B 17 0.04 -1.94 -12.05
N ASP B 18 1.25 -1.91 -11.47
CA ASP B 18 2.49 -2.24 -12.19
C ASP B 18 2.59 -3.72 -12.63
N CYS B 19 1.80 -4.62 -12.03
CA CYS B 19 1.65 -6.00 -12.50
C CYS B 19 0.54 -6.14 -13.56
N ILE B 20 -0.61 -5.47 -13.37
CA ILE B 20 -1.78 -5.65 -14.26
C ILE B 20 -1.76 -4.82 -15.56
N LYS B 21 -0.81 -3.89 -15.73
CA LYS B 21 -0.69 -3.02 -16.93
C LYS B 21 0.74 -3.01 -17.53
N VAL A 11 -8.40 -8.62 8.33
CA VAL A 11 -8.91 -7.23 8.13
C VAL A 11 -10.17 -6.93 8.96
N SER A 12 -11.24 -7.74 8.85
CA SER A 12 -12.63 -7.43 9.27
C SER A 12 -12.86 -6.88 10.69
N LEU A 13 -11.99 -7.21 11.67
CA LEU A 13 -12.03 -6.70 13.06
C LEU A 13 -10.68 -6.13 13.54
N ILE A 14 -9.77 -5.84 12.61
CA ILE A 14 -8.37 -5.41 12.86
C ILE A 14 -8.04 -4.10 12.10
N ASN A 15 -8.92 -3.61 11.21
CA ASN A 15 -8.72 -2.38 10.44
C ASN A 15 -10.03 -1.57 10.22
N GLU A 16 -10.78 -1.36 11.30
CA GLU A 16 -12.02 -0.56 11.31
C GLU A 16 -11.81 0.89 10.82
N GLY A 17 -12.82 1.47 10.16
CA GLY A 17 -12.85 2.87 9.71
C GLY A 17 -12.83 3.06 8.18
N PRO A 18 -12.92 4.32 7.69
CA PRO A 18 -12.88 4.66 6.27
C PRO A 18 -11.45 4.53 5.67
N LEU A 19 -11.35 4.46 4.34
CA LEU A 19 -10.07 4.31 3.63
C LEU A 19 -9.38 5.68 3.35
N PRO A 20 -8.04 5.73 3.17
CA PRO A 20 -7.30 6.97 2.87
C PRO A 20 -7.58 7.54 1.45
N PRO A 21 -7.36 8.85 1.23
CA PRO A 21 -7.77 9.56 0.01
C PRO A 21 -6.91 9.18 -1.22
N GLY A 22 -7.52 8.54 -2.22
CA GLY A 22 -6.85 8.20 -3.50
C GLY A 22 -5.71 7.18 -3.36
N TRP A 23 -5.75 6.33 -2.32
CA TRP A 23 -4.76 5.30 -2.00
C TRP A 23 -5.40 3.90 -2.00
N GLU A 24 -4.57 2.88 -2.13
CA GLU A 24 -4.90 1.46 -1.97
C GLU A 24 -3.88 0.82 -1.01
N ILE A 25 -4.31 -0.21 -0.26
CA ILE A 25 -3.56 -0.81 0.85
C ILE A 25 -3.81 -2.32 0.86
N ARG A 26 -2.74 -3.11 0.85
CA ARG A 26 -2.81 -4.57 0.69
C ARG A 26 -1.92 -5.32 1.71
N TYR A 27 -2.23 -6.60 1.89
CA TYR A 27 -1.72 -7.45 2.97
C TYR A 27 -1.20 -8.76 2.37
N THR A 28 0.11 -8.86 2.18
CA THR A 28 0.74 -10.05 1.55
C THR A 28 0.77 -11.24 2.51
N ALA A 29 0.75 -12.47 1.97
CA ALA A 29 0.73 -13.71 2.75
C ALA A 29 1.92 -13.92 3.72
N ALA A 30 3.02 -13.16 3.55
CA ALA A 30 4.14 -13.09 4.49
C ALA A 30 3.80 -12.44 5.85
N GLY A 31 2.63 -11.78 5.99
CA GLY A 31 2.21 -11.09 7.21
C GLY A 31 2.66 -9.63 7.27
N GLU A 32 2.62 -8.92 6.14
CA GLU A 32 3.11 -7.55 5.98
C GLU A 32 2.09 -6.68 5.22
N ARG A 33 2.02 -5.39 5.55
CA ARG A 33 1.13 -4.39 4.91
C ARG A 33 1.93 -3.42 4.04
N PHE A 34 1.37 -3.08 2.89
CA PHE A 34 1.96 -2.20 1.88
C PHE A 34 0.93 -1.23 1.34
N PHE A 35 1.39 -0.06 0.89
CA PHE A 35 0.56 1.01 0.33
C PHE A 35 0.87 1.22 -1.15
N VAL A 36 -0.15 1.61 -1.91
CA VAL A 36 -0.17 1.70 -3.37
C VAL A 36 -0.84 3.01 -3.79
N ASP A 37 -0.15 3.80 -4.59
CA ASP A 37 -0.62 5.07 -5.13
C ASP A 37 -0.95 4.93 -6.63
N HIS A 38 -2.23 5.16 -6.99
CA HIS A 38 -2.69 5.09 -8.39
C HIS A 38 -2.33 6.33 -9.22
N ASN A 39 -1.96 7.44 -8.58
CA ASN A 39 -1.69 8.74 -9.23
C ASN A 39 -0.36 8.76 -10.01
N THR A 40 0.65 8.01 -9.55
CA THR A 40 1.98 7.87 -10.21
C THR A 40 2.46 6.41 -10.29
N ARG A 41 1.60 5.43 -9.96
CA ARG A 41 1.87 3.97 -9.91
C ARG A 41 2.88 3.56 -8.83
N ARG A 42 3.24 4.47 -7.92
CA ARG A 42 4.21 4.26 -6.81
C ARG A 42 3.66 3.38 -5.68
N THR A 43 4.58 2.93 -4.81
CA THR A 43 4.29 2.10 -3.63
C THR A 43 5.25 2.44 -2.47
N THR A 44 4.90 2.03 -1.24
CA THR A 44 5.73 2.23 -0.04
C THR A 44 5.33 1.29 1.11
N PHE A 45 6.24 1.12 2.08
CA PHE A 45 6.09 0.25 3.25
C PHE A 45 5.31 0.90 4.41
N GLU A 46 5.12 2.22 4.37
CA GLU A 46 4.53 3.05 5.45
C GLU A 46 3.75 4.25 4.87
N ASP A 47 3.41 5.24 5.70
CA ASP A 47 2.70 6.46 5.28
C ASP A 47 3.56 7.73 5.52
N PRO A 48 4.59 7.98 4.69
CA PRO A 48 5.49 9.14 4.82
C PRO A 48 4.83 10.47 4.43
N ARG A 49 5.58 11.57 4.52
CA ARG A 49 5.17 12.91 4.05
C ARG A 49 4.69 12.90 2.57
N PRO A 50 3.72 13.75 2.18
CA PRO A 50 3.16 13.79 0.83
C PRO A 50 4.21 14.22 -0.22
N GLY A 51 4.69 13.27 -1.01
CA GLY A 51 5.74 13.48 -2.03
C GLY A 51 6.80 12.37 -2.07
N ALA A 52 6.42 11.11 -1.90
CA ALA A 52 7.33 9.96 -1.92
C ALA A 52 8.15 9.88 -3.25
N PRO A 53 9.41 9.41 -3.22
CA PRO A 53 10.36 9.53 -4.33
C PRO A 53 10.01 8.65 -5.55
N ASN B 7 9.40 -4.30 9.13
CA ASN B 7 10.51 -5.29 9.11
C ASN B 7 11.45 -4.99 7.95
N THR B 8 12.75 -4.79 8.24
CA THR B 8 13.80 -4.44 7.26
C THR B 8 14.18 -5.58 6.30
N GLY B 9 14.87 -5.23 5.22
CA GLY B 9 15.28 -6.14 4.14
C GLY B 9 14.26 -6.21 2.99
N ALA B 10 14.65 -6.78 1.86
CA ALA B 10 13.74 -7.07 0.75
C ALA B 10 12.67 -8.10 1.17
N LYS B 11 11.43 -7.90 0.70
CA LYS B 11 10.24 -8.70 1.01
C LYS B 11 9.34 -8.83 -0.23
N GLN B 12 8.11 -9.35 -0.08
CA GLN B 12 7.11 -9.41 -1.15
C GLN B 12 6.91 -8.03 -1.82
N PRO B 13 7.29 -7.85 -3.12
CA PRO B 13 7.25 -6.54 -3.76
C PRO B 13 5.80 -6.13 -4.08
N PRO B 14 5.31 -4.96 -3.59
CA PRO B 14 3.98 -4.47 -3.92
C PRO B 14 3.93 -4.00 -5.39
N SER B 15 3.06 -4.65 -6.17
CA SER B 15 2.81 -4.36 -7.60
C SER B 15 1.34 -4.61 -7.93
N TYR B 16 0.49 -3.61 -7.74
CA TYR B 16 -0.93 -3.66 -8.12
C TYR B 16 -1.08 -3.30 -9.61
N GLU B 17 -1.19 -2.01 -9.95
CA GLU B 17 -1.21 -1.53 -11.34
C GLU B 17 0.08 -1.89 -12.10
N ASP B 18 1.25 -1.85 -11.43
CA ASP B 18 2.54 -2.22 -12.03
C ASP B 18 2.61 -3.69 -12.49
N CYS B 19 1.73 -4.57 -11.97
CA CYS B 19 1.58 -5.95 -12.44
C CYS B 19 0.49 -6.07 -13.54
N ILE B 20 -0.67 -5.42 -13.36
CA ILE B 20 -1.83 -5.61 -14.26
C ILE B 20 -1.80 -4.79 -15.57
N LYS B 21 -0.90 -3.81 -15.71
CA LYS B 21 -0.80 -2.94 -16.91
C LYS B 21 0.62 -2.76 -17.46
N VAL A 11 -9.78 -8.04 6.73
CA VAL A 11 -10.26 -6.62 6.65
C VAL A 11 -11.28 -6.28 7.75
N SER A 12 -12.42 -6.98 7.81
CA SER A 12 -13.68 -6.57 8.48
C SER A 12 -13.60 -6.03 9.93
N LEU A 13 -12.64 -6.49 10.75
CA LEU A 13 -12.41 -6.02 12.13
C LEU A 13 -10.95 -5.58 12.41
N ILE A 14 -10.15 -5.41 11.35
CA ILE A 14 -8.70 -5.12 11.40
C ILE A 14 -8.38 -3.79 10.66
N ASN A 15 -9.32 -3.28 9.85
CA ASN A 15 -9.19 -2.06 9.02
C ASN A 15 -10.42 -1.15 9.21
N GLU A 16 -10.85 -0.94 10.45
CA GLU A 16 -12.02 -0.12 10.82
C GLU A 16 -11.86 1.36 10.39
N GLY A 17 -12.98 2.03 10.09
CA GLY A 17 -13.04 3.44 9.66
C GLY A 17 -12.99 3.64 8.13
N PRO A 18 -13.08 4.89 7.65
CA PRO A 18 -13.02 5.23 6.23
C PRO A 18 -11.61 5.07 5.63
N LEU A 19 -11.51 4.92 4.31
CA LEU A 19 -10.23 4.74 3.59
C LEU A 19 -9.53 6.09 3.27
N PRO A 20 -8.19 6.11 3.08
CA PRO A 20 -7.42 7.32 2.76
C PRO A 20 -7.70 7.88 1.35
N PRO A 21 -7.46 9.19 1.11
CA PRO A 21 -7.83 9.88 -0.13
C PRO A 21 -6.95 9.47 -1.32
N GLY A 22 -7.53 8.80 -2.32
CA GLY A 22 -6.85 8.42 -3.57
C GLY A 22 -5.70 7.41 -3.40
N TRP A 23 -5.78 6.58 -2.35
CA TRP A 23 -4.79 5.53 -1.99
C TRP A 23 -5.46 4.16 -1.90
N GLU A 24 -4.63 3.10 -1.92
CA GLU A 24 -5.00 1.71 -1.68
C GLU A 24 -4.03 1.08 -0.67
N ILE A 25 -4.49 0.04 0.05
CA ILE A 25 -3.75 -0.67 1.09
C ILE A 25 -3.91 -2.18 0.85
N ARG A 26 -2.79 -2.91 0.80
CA ARG A 26 -2.75 -4.35 0.54
C ARG A 26 -1.87 -5.06 1.58
N TYR A 27 -2.12 -6.34 1.77
CA TYR A 27 -1.48 -7.19 2.79
C TYR A 27 -1.01 -8.47 2.11
N THR A 28 0.31 -8.64 1.97
CA THR A 28 0.89 -9.80 1.25
C THR A 28 0.68 -11.10 2.03
N ALA A 29 0.67 -12.23 1.32
CA ALA A 29 0.59 -13.57 1.92
C ALA A 29 1.79 -13.92 2.83
N ALA A 30 2.89 -13.15 2.77
CA ALA A 30 4.04 -13.23 3.66
C ALA A 30 3.82 -12.54 5.03
N GLY A 31 2.71 -11.80 5.20
CA GLY A 31 2.30 -11.21 6.49
C GLY A 31 2.65 -9.74 6.67
N GLU A 32 2.83 -8.97 5.59
CA GLU A 32 3.25 -7.56 5.65
C GLU A 32 2.30 -6.62 4.86
N ARG A 33 1.99 -5.47 5.46
CA ARG A 33 1.15 -4.42 4.86
C ARG A 33 1.99 -3.46 4.03
N PHE A 34 1.44 -3.02 2.89
CA PHE A 34 1.99 -1.98 2.03
C PHE A 34 0.89 -1.05 1.51
N PHE A 35 1.27 0.15 1.08
CA PHE A 35 0.39 1.14 0.46
C PHE A 35 0.71 1.27 -1.03
N VAL A 36 -0.32 1.65 -1.80
CA VAL A 36 -0.33 1.71 -3.26
C VAL A 36 -0.97 3.03 -3.71
N ASP A 37 -0.25 3.77 -4.54
CA ASP A 37 -0.71 5.03 -5.14
C ASP A 37 -0.99 4.82 -6.64
N HIS A 38 -2.26 4.99 -7.04
CA HIS A 38 -2.68 4.85 -8.44
C HIS A 38 -2.38 6.09 -9.31
N ASN A 39 -2.06 7.23 -8.68
CA ASN A 39 -1.87 8.53 -9.34
C ASN A 39 -0.52 8.61 -10.09
N THR A 40 0.52 7.94 -9.58
CA THR A 40 1.87 7.84 -10.19
C THR A 40 2.42 6.40 -10.23
N ARG A 41 1.58 5.41 -9.89
CA ARG A 41 1.86 3.95 -9.84
C ARG A 41 2.82 3.51 -8.72
N ARG A 42 3.24 4.45 -7.84
CA ARG A 42 4.21 4.21 -6.76
C ARG A 42 3.64 3.38 -5.60
N THR A 43 4.54 2.89 -4.75
CA THR A 43 4.24 2.04 -3.58
C THR A 43 5.20 2.33 -2.42
N THR A 44 4.80 2.01 -1.19
CA THR A 44 5.61 2.21 0.03
C THR A 44 5.18 1.30 1.18
N PHE A 45 6.09 1.04 2.12
CA PHE A 45 5.88 0.22 3.32
C PHE A 45 5.38 1.03 4.54
N GLU A 46 5.60 2.34 4.54
CA GLU A 46 5.20 3.28 5.61
C GLU A 46 4.11 4.26 5.11
N ASP A 47 3.78 5.29 5.90
CA ASP A 47 2.76 6.29 5.56
C ASP A 47 3.37 7.70 5.45
N PRO A 48 4.09 8.00 4.34
CA PRO A 48 4.76 9.29 4.12
C PRO A 48 3.76 10.42 3.81
N ARG A 49 4.28 11.65 3.64
CA ARG A 49 3.50 12.82 3.15
C ARG A 49 2.78 12.54 1.82
N PRO A 50 1.64 13.22 1.55
CA PRO A 50 0.86 13.04 0.31
C PRO A 50 1.54 13.59 -0.96
N GLY A 51 2.66 14.32 -0.82
CA GLY A 51 3.51 14.78 -1.92
C GLY A 51 4.97 14.87 -1.48
N ALA A 52 5.83 14.04 -2.09
CA ALA A 52 7.28 14.03 -1.83
C ALA A 52 8.02 15.33 -2.24
N PRO A 53 7.80 15.94 -3.42
CA PRO A 53 8.43 17.22 -3.79
C PRO A 53 7.85 18.42 -3.00
N ASN B 7 11.59 -0.33 11.51
CA ASN B 7 11.19 -1.69 11.08
C ASN B 7 11.92 -2.05 9.78
N THR B 8 12.49 -3.26 9.68
CA THR B 8 13.35 -3.70 8.56
C THR B 8 13.09 -5.16 8.17
N GLY B 9 13.40 -5.52 6.92
CA GLY B 9 13.27 -6.86 6.37
C GLY B 9 12.54 -6.86 5.03
N ALA B 10 13.28 -6.91 3.92
CA ALA B 10 12.69 -7.00 2.57
C ALA B 10 11.76 -8.21 2.44
N LYS B 11 10.60 -8.00 1.80
CA LYS B 11 9.52 -8.99 1.60
C LYS B 11 9.01 -8.95 0.15
N GLN B 12 7.95 -9.69 -0.17
CA GLN B 12 7.33 -9.66 -1.50
C GLN B 12 7.03 -8.22 -1.96
N PRO B 13 7.53 -7.77 -3.13
CA PRO B 13 7.40 -6.38 -3.56
C PRO B 13 5.94 -6.04 -3.87
N PRO B 14 5.39 -4.92 -3.36
CA PRO B 14 4.03 -4.49 -3.70
C PRO B 14 3.97 -4.03 -5.17
N SER B 15 3.07 -4.65 -5.94
CA SER B 15 2.86 -4.38 -7.37
C SER B 15 1.39 -4.62 -7.72
N TYR B 16 0.57 -3.57 -7.63
CA TYR B 16 -0.85 -3.61 -8.00
C TYR B 16 -1.02 -3.31 -9.50
N GLU B 17 -1.14 -2.04 -9.88
CA GLU B 17 -1.15 -1.58 -11.28
C GLU B 17 0.11 -2.05 -12.04
N ASP B 18 1.28 -1.98 -11.40
CA ASP B 18 2.56 -2.35 -12.01
C ASP B 18 2.68 -3.87 -12.32
N CYS B 19 1.80 -4.70 -11.77
CA CYS B 19 1.66 -6.11 -12.16
C CYS B 19 0.57 -6.31 -13.22
N ILE B 20 -0.61 -5.68 -13.08
CA ILE B 20 -1.77 -5.95 -13.96
C ILE B 20 -1.77 -5.20 -15.30
N LYS B 21 -0.98 -4.11 -15.45
CA LYS B 21 -0.74 -3.45 -16.76
C LYS B 21 -0.03 -4.37 -17.75
N VAL A 11 -13.42 -6.55 8.21
CA VAL A 11 -13.77 -6.58 9.66
C VAL A 11 -12.73 -7.35 10.49
N SER A 12 -12.53 -8.65 10.24
CA SER A 12 -11.91 -9.66 11.12
C SER A 12 -10.65 -9.30 11.91
N LEU A 13 -9.76 -8.44 11.37
CA LEU A 13 -8.56 -7.92 12.06
C LEU A 13 -8.31 -6.42 11.82
N ILE A 14 -9.33 -5.67 11.39
CA ILE A 14 -9.23 -4.26 10.98
C ILE A 14 -10.28 -3.42 11.73
N ASN A 15 -11.54 -3.42 11.27
CA ASN A 15 -12.68 -2.66 11.84
C ASN A 15 -12.38 -1.16 12.13
N GLU A 16 -11.51 -0.55 11.34
CA GLU A 16 -11.14 0.88 11.43
C GLU A 16 -12.14 1.80 10.68
N GLY A 17 -11.85 3.10 10.62
CA GLY A 17 -12.59 4.12 9.86
C GLY A 17 -12.47 3.99 8.32
N PRO A 18 -12.96 4.99 7.56
CA PRO A 18 -12.97 4.96 6.08
C PRO A 18 -11.56 4.97 5.47
N LEU A 19 -11.46 4.46 4.23
CA LEU A 19 -10.18 4.26 3.53
C LEU A 19 -9.46 5.60 3.19
N PRO A 20 -8.12 5.62 3.06
CA PRO A 20 -7.34 6.83 2.79
C PRO A 20 -7.59 7.43 1.39
N PRO A 21 -7.39 8.76 1.21
CA PRO A 21 -7.82 9.50 0.01
C PRO A 21 -6.99 9.16 -1.23
N GLY A 22 -7.60 8.51 -2.22
CA GLY A 22 -6.94 8.15 -3.50
C GLY A 22 -5.81 7.13 -3.38
N TRP A 23 -5.83 6.31 -2.32
CA TRP A 23 -4.84 5.27 -2.00
C TRP A 23 -5.48 3.87 -2.02
N GLU A 24 -4.64 2.85 -2.16
CA GLU A 24 -4.96 1.43 -1.97
C GLU A 24 -3.94 0.81 -1.00
N ILE A 25 -4.36 -0.24 -0.28
CA ILE A 25 -3.59 -0.90 0.78
C ILE A 25 -3.82 -2.41 0.69
N ARG A 26 -2.74 -3.20 0.73
CA ARG A 26 -2.80 -4.67 0.62
C ARG A 26 -1.95 -5.34 1.70
N TYR A 27 -2.34 -6.57 2.04
CA TYR A 27 -1.77 -7.40 3.10
C TYR A 27 -1.21 -8.69 2.47
N THR A 28 0.10 -8.73 2.26
CA THR A 28 0.78 -9.86 1.61
C THR A 28 0.91 -11.06 2.57
N ALA A 29 0.98 -12.27 2.00
CA ALA A 29 0.99 -13.53 2.77
C ALA A 29 2.19 -13.72 3.73
N ALA A 30 3.24 -12.91 3.60
CA ALA A 30 4.36 -12.84 4.54
C ALA A 30 4.00 -12.20 5.89
N GLY A 31 2.81 -11.61 6.03
CA GLY A 31 2.38 -10.85 7.21
C GLY A 31 2.80 -9.38 7.15
N GLU A 32 2.79 -8.78 5.95
CA GLU A 32 3.33 -7.45 5.67
C GLU A 32 2.33 -6.60 4.88
N ARG A 33 1.93 -5.46 5.47
CA ARG A 33 1.07 -4.43 4.87
C ARG A 33 1.90 -3.48 4.01
N PHE A 34 1.39 -3.16 2.82
CA PHE A 34 1.97 -2.20 1.87
C PHE A 34 0.91 -1.28 1.31
N PHE A 35 1.33 -0.09 0.86
CA PHE A 35 0.48 0.96 0.32
C PHE A 35 0.80 1.19 -1.17
N VAL A 36 -0.23 1.59 -1.92
CA VAL A 36 -0.24 1.69 -3.39
C VAL A 36 -0.93 3.00 -3.79
N ASP A 37 -0.24 3.82 -4.58
CA ASP A 37 -0.74 5.08 -5.11
C ASP A 37 -1.04 4.94 -6.61
N HIS A 38 -2.29 5.17 -7.00
CA HIS A 38 -2.74 5.10 -8.41
C HIS A 38 -2.45 6.39 -9.21
N ASN A 39 -2.08 7.48 -8.54
CA ASN A 39 -1.86 8.80 -9.15
C ASN A 39 -0.53 8.87 -9.92
N THR A 40 0.50 8.14 -9.47
CA THR A 40 1.83 8.05 -10.11
C THR A 40 2.38 6.61 -10.18
N ARG A 41 1.55 5.60 -9.86
CA ARG A 41 1.86 4.15 -9.82
C ARG A 41 2.81 3.74 -8.66
N ARG A 42 3.21 4.67 -7.79
CA ARG A 42 4.17 4.49 -6.69
C ARG A 42 3.65 3.58 -5.57
N THR A 43 4.57 3.11 -4.73
CA THR A 43 4.33 2.17 -3.62
C THR A 43 5.27 2.42 -2.44
N THR A 44 4.87 1.99 -1.25
CA THR A 44 5.67 2.12 -0.01
C THR A 44 5.23 1.12 1.08
N PHE A 45 6.12 0.83 2.03
CA PHE A 45 5.88 -0.01 3.20
C PHE A 45 5.35 0.77 4.43
N GLU A 46 5.41 2.10 4.40
CA GLU A 46 5.04 3.00 5.50
C GLU A 46 4.06 4.10 5.05
N ASP A 47 3.80 5.11 5.88
CA ASP A 47 2.85 6.20 5.60
C ASP A 47 3.57 7.57 5.57
N PRO A 48 4.37 7.86 4.54
CA PRO A 48 5.15 9.08 4.42
C PRO A 48 4.28 10.31 4.07
N ARG A 49 4.91 11.50 4.06
CA ARG A 49 4.28 12.75 3.60
C ARG A 49 3.76 12.65 2.15
N PRO A 50 2.68 13.37 1.79
CA PRO A 50 2.10 13.36 0.44
C PRO A 50 3.01 14.05 -0.60
N GLY A 51 2.67 13.88 -1.89
CA GLY A 51 3.40 14.47 -3.02
C GLY A 51 2.49 15.05 -4.11
N ALA A 52 1.60 14.24 -4.69
CA ALA A 52 0.66 14.65 -5.74
C ALA A 52 -0.66 13.81 -5.76
N PRO A 53 -1.46 13.81 -4.68
CA PRO A 53 -2.77 13.16 -4.64
C PRO A 53 -3.81 13.83 -5.58
N ASN B 7 5.75 -5.11 11.59
CA ASN B 7 6.83 -6.10 11.33
C ASN B 7 7.91 -5.49 10.42
N THR B 8 8.99 -6.23 10.13
CA THR B 8 10.12 -5.80 9.29
C THR B 8 10.69 -6.96 8.45
N GLY B 9 11.52 -6.65 7.44
CA GLY B 9 12.20 -7.65 6.60
C GLY B 9 11.50 -7.90 5.26
N ALA B 10 11.13 -6.83 4.54
CA ALA B 10 10.32 -6.84 3.31
C ALA B 10 10.67 -7.98 2.32
N LYS B 11 9.71 -8.89 2.09
CA LYS B 11 9.88 -10.13 1.30
C LYS B 11 8.93 -10.22 0.08
N GLN B 12 7.98 -9.29 -0.03
CA GLN B 12 6.88 -9.31 -0.99
C GLN B 12 6.78 -7.94 -1.71
N PRO B 13 7.33 -7.79 -2.94
CA PRO B 13 7.33 -6.50 -3.64
C PRO B 13 5.89 -6.09 -4.04
N PRO B 14 5.38 -4.92 -3.59
CA PRO B 14 4.04 -4.46 -3.95
C PRO B 14 3.98 -4.01 -5.42
N SER B 15 3.13 -4.67 -6.21
CA SER B 15 2.89 -4.37 -7.63
C SER B 15 1.41 -4.59 -7.96
N TYR B 16 0.60 -3.53 -7.89
CA TYR B 16 -0.82 -3.56 -8.27
C TYR B 16 -0.95 -3.20 -9.76
N GLU B 17 -1.07 -1.90 -10.11
CA GLU B 17 -1.06 -1.45 -11.52
C GLU B 17 0.23 -1.84 -12.25
N ASP B 18 1.38 -1.81 -11.56
CA ASP B 18 2.67 -2.20 -12.14
C ASP B 18 2.76 -3.70 -12.53
N CYS B 19 1.82 -4.52 -12.06
CA CYS B 19 1.65 -5.92 -12.50
C CYS B 19 0.54 -6.07 -13.56
N ILE B 20 -0.60 -5.38 -13.41
CA ILE B 20 -1.78 -5.59 -14.29
C ILE B 20 -1.77 -4.77 -15.60
N LYS B 21 -0.98 -3.69 -15.70
CA LYS B 21 -0.78 -2.92 -16.96
C LYS B 21 -0.14 -3.77 -18.06
N VAL A 11 -14.75 -10.24 8.05
CA VAL A 11 -14.83 -9.10 9.02
C VAL A 11 -13.51 -8.33 9.13
N SER A 12 -12.40 -8.97 9.56
CA SER A 12 -11.20 -8.34 10.16
C SER A 12 -10.55 -7.15 9.43
N LEU A 13 -10.64 -7.06 8.10
CA LEU A 13 -10.15 -5.93 7.28
C LEU A 13 -11.19 -5.39 6.27
N ILE A 14 -12.47 -5.73 6.48
CA ILE A 14 -13.60 -5.42 5.58
C ILE A 14 -14.71 -4.63 6.31
N ASN A 15 -14.71 -4.61 7.65
CA ASN A 15 -15.69 -3.93 8.50
C ASN A 15 -15.08 -2.79 9.35
N GLU A 16 -13.84 -2.41 9.06
CA GLU A 16 -13.10 -1.31 9.73
C GLU A 16 -13.58 0.10 9.28
N GLY A 17 -12.89 1.16 9.76
CA GLY A 17 -13.13 2.56 9.40
C GLY A 17 -12.83 2.94 7.93
N PRO A 18 -13.03 4.22 7.55
CA PRO A 18 -12.93 4.70 6.16
C PRO A 18 -11.49 4.65 5.62
N LEU A 19 -11.36 4.48 4.29
CA LEU A 19 -10.06 4.39 3.60
C LEU A 19 -9.38 5.77 3.37
N PRO A 20 -8.04 5.83 3.21
CA PRO A 20 -7.31 7.07 2.92
C PRO A 20 -7.58 7.64 1.50
N PRO A 21 -7.39 8.95 1.27
CA PRO A 21 -7.81 9.64 0.05
C PRO A 21 -6.94 9.29 -1.16
N GLY A 22 -7.52 8.63 -2.17
CA GLY A 22 -6.85 8.29 -3.43
C GLY A 22 -5.70 7.28 -3.31
N TRP A 23 -5.75 6.42 -2.28
CA TRP A 23 -4.76 5.38 -1.97
C TRP A 23 -5.40 3.98 -1.96
N GLU A 24 -4.56 2.95 -2.05
CA GLU A 24 -4.91 1.54 -1.90
C GLU A 24 -3.92 0.86 -0.93
N ILE A 25 -4.37 -0.18 -0.23
CA ILE A 25 -3.68 -0.79 0.92
C ILE A 25 -3.90 -2.31 0.86
N ARG A 26 -2.81 -3.09 0.86
CA ARG A 26 -2.83 -4.54 0.66
C ARG A 26 -1.99 -5.26 1.71
N TYR A 27 -2.25 -6.56 1.87
CA TYR A 27 -1.74 -7.40 2.96
C TYR A 27 -1.25 -8.73 2.37
N THR A 28 0.07 -8.86 2.15
CA THR A 28 0.66 -10.04 1.50
C THR A 28 0.67 -11.27 2.41
N ALA A 29 0.72 -12.47 1.83
CA ALA A 29 0.71 -13.75 2.56
C ALA A 29 1.89 -13.93 3.55
N ALA A 30 2.98 -13.18 3.40
CA ALA A 30 4.07 -13.09 4.38
C ALA A 30 3.67 -12.47 5.75
N GLY A 31 2.50 -11.84 5.84
CA GLY A 31 2.01 -11.18 7.06
C GLY A 31 2.43 -9.72 7.16
N GLU A 32 2.44 -8.98 6.05
CA GLU A 32 2.95 -7.62 5.93
C GLU A 32 1.99 -6.70 5.15
N ARG A 33 1.76 -5.48 5.67
CA ARG A 33 1.00 -4.43 4.99
C ARG A 33 1.89 -3.60 4.07
N PHE A 34 1.34 -3.20 2.92
CA PHE A 34 1.93 -2.29 1.96
C PHE A 34 0.89 -1.28 1.45
N PHE A 35 1.36 -0.14 0.94
CA PHE A 35 0.53 0.94 0.43
C PHE A 35 0.86 1.22 -1.05
N VAL A 36 -0.16 1.64 -1.79
CA VAL A 36 -0.18 1.70 -3.26
C VAL A 36 -0.85 3.01 -3.71
N ASP A 37 -0.16 3.76 -4.56
CA ASP A 37 -0.63 5.02 -5.12
C ASP A 37 -0.90 4.86 -6.63
N HIS A 38 -2.18 4.99 -7.02
CA HIS A 38 -2.59 4.89 -8.43
C HIS A 38 -2.27 6.16 -9.26
N ASN A 39 -1.97 7.28 -8.60
CA ASN A 39 -1.76 8.59 -9.22
C ASN A 39 -0.40 8.69 -9.97
N THR A 40 0.64 8.00 -9.48
CA THR A 40 1.99 7.93 -10.10
C THR A 40 2.54 6.50 -10.19
N ARG A 41 1.71 5.48 -9.86
CA ARG A 41 2.03 4.04 -9.83
C ARG A 41 3.04 3.62 -8.73
N ARG A 42 3.43 4.53 -7.84
CA ARG A 42 4.36 4.26 -6.72
C ARG A 42 3.73 3.38 -5.63
N THR A 43 4.61 2.83 -4.79
CA THR A 43 4.29 1.97 -3.63
C THR A 43 5.26 2.23 -2.48
N THR A 44 4.88 1.86 -1.25
CA THR A 44 5.69 2.11 -0.03
C THR A 44 5.33 1.18 1.13
N PHE A 45 6.23 1.08 2.10
CA PHE A 45 6.16 0.20 3.28
C PHE A 45 5.45 0.85 4.48
N GLU A 46 5.13 2.14 4.41
CA GLU A 46 4.59 2.98 5.50
C GLU A 46 3.55 4.00 4.98
N ASP A 47 3.18 4.99 5.80
CA ASP A 47 2.16 6.01 5.46
C ASP A 47 2.78 7.43 5.44
N PRO A 48 3.57 7.77 4.40
CA PRO A 48 4.20 9.10 4.23
C PRO A 48 3.18 10.16 3.76
N ARG A 49 3.64 11.39 3.51
CA ARG A 49 2.84 12.45 2.88
C ARG A 49 2.24 12.02 1.52
N PRO A 50 1.06 12.55 1.13
CA PRO A 50 0.40 12.20 -0.13
C PRO A 50 1.09 12.78 -1.38
N GLY A 51 1.89 13.83 -1.23
CA GLY A 51 2.76 14.42 -2.27
C GLY A 51 2.57 15.94 -2.42
N ALA A 52 1.32 16.40 -2.43
CA ALA A 52 0.94 17.82 -2.50
C ALA A 52 -0.50 18.15 -2.01
N PRO A 53 -1.58 17.41 -2.38
CA PRO A 53 -2.94 17.78 -1.99
C PRO A 53 -3.25 17.55 -0.50
N ASN B 7 14.28 -14.05 6.72
CA ASN B 7 13.37 -12.99 6.21
C ASN B 7 13.75 -11.63 6.80
N THR B 8 14.64 -10.90 6.12
CA THR B 8 15.14 -9.56 6.52
C THR B 8 15.43 -8.69 5.27
N GLY B 9 15.44 -7.38 5.44
CA GLY B 9 15.58 -6.42 4.34
C GLY B 9 14.39 -6.48 3.37
N ALA B 10 14.65 -6.77 2.10
CA ALA B 10 13.63 -6.97 1.06
C ALA B 10 12.57 -8.04 1.42
N LYS B 11 11.38 -7.90 0.83
CA LYS B 11 10.18 -8.73 1.09
C LYS B 11 9.38 -8.97 -0.20
N GLN B 12 8.14 -9.48 -0.11
CA GLN B 12 7.21 -9.52 -1.26
C GLN B 12 7.02 -8.11 -1.86
N PRO B 13 7.34 -7.86 -3.14
CA PRO B 13 7.26 -6.54 -3.74
C PRO B 13 5.78 -6.14 -3.99
N PRO B 14 5.32 -4.97 -3.50
CA PRO B 14 3.99 -4.46 -3.82
C PRO B 14 3.94 -3.97 -5.28
N SER B 15 3.04 -4.56 -6.07
CA SER B 15 2.92 -4.33 -7.52
C SER B 15 1.48 -4.53 -8.00
N TYR B 16 0.62 -3.53 -7.79
CA TYR B 16 -0.79 -3.55 -8.21
C TYR B 16 -0.91 -3.16 -9.71
N GLU B 17 -1.10 -1.88 -10.02
CA GLU B 17 -1.09 -1.34 -11.40
C GLU B 17 0.23 -1.60 -12.14
N ASP B 18 1.34 -1.73 -11.39
CA ASP B 18 2.66 -2.10 -11.93
C ASP B 18 2.73 -3.53 -12.50
N CYS B 19 1.79 -4.41 -12.12
CA CYS B 19 1.71 -5.80 -12.60
C CYS B 19 0.54 -5.99 -13.58
N ILE B 20 -0.65 -5.43 -13.31
CA ILE B 20 -1.86 -5.63 -14.12
C ILE B 20 -1.95 -4.73 -15.38
N LYS B 21 -0.82 -4.18 -15.84
CA LYS B 21 -0.67 -3.34 -17.06
C LYS B 21 -1.45 -3.88 -18.28
N VAL A 11 -8.75 -6.96 7.60
CA VAL A 11 -9.27 -5.56 7.63
C VAL A 11 -10.44 -5.38 8.60
N SER A 12 -11.54 -6.14 8.46
CA SER A 12 -12.90 -5.88 9.01
C SER A 12 -13.04 -5.47 10.49
N LEU A 13 -12.15 -5.92 11.38
CA LEU A 13 -12.10 -5.52 12.79
C LEU A 13 -10.69 -5.11 13.28
N ILE A 14 -9.78 -4.80 12.34
CA ILE A 14 -8.35 -4.52 12.57
C ILE A 14 -7.95 -3.14 11.98
N ASN A 15 -8.75 -2.58 11.04
CA ASN A 15 -8.55 -1.28 10.40
C ASN A 15 -9.89 -0.51 10.37
N GLU A 16 -10.32 -0.04 11.54
CA GLU A 16 -11.54 0.76 11.71
C GLU A 16 -11.46 2.14 11.02
N GLY A 17 -12.61 2.73 10.69
CA GLY A 17 -12.73 4.04 10.04
C GLY A 17 -12.71 4.00 8.49
N PRO A 18 -12.88 5.16 7.82
CA PRO A 18 -12.86 5.27 6.36
C PRO A 18 -11.44 5.09 5.78
N LEU A 19 -11.36 4.70 4.50
CA LEU A 19 -10.08 4.50 3.79
C LEU A 19 -9.36 5.84 3.46
N PRO A 20 -8.02 5.86 3.30
CA PRO A 20 -7.25 7.07 2.99
C PRO A 20 -7.53 7.64 1.57
N PRO A 21 -7.33 8.95 1.35
CA PRO A 21 -7.78 9.67 0.15
C PRO A 21 -6.97 9.29 -1.11
N GLY A 22 -7.61 8.59 -2.05
CA GLY A 22 -7.01 8.21 -3.34
C GLY A 22 -5.85 7.20 -3.23
N TRP A 23 -5.81 6.41 -2.16
CA TRP A 23 -4.81 5.38 -1.86
C TRP A 23 -5.42 3.97 -1.86
N GLU A 24 -4.56 2.96 -1.96
CA GLU A 24 -4.89 1.53 -1.80
C GLU A 24 -3.88 0.88 -0.85
N ILE A 25 -4.31 -0.16 -0.14
CA ILE A 25 -3.59 -0.78 1.00
C ILE A 25 -3.80 -2.30 0.93
N ARG A 26 -2.71 -3.06 0.88
CA ARG A 26 -2.71 -4.51 0.65
C ARG A 26 -1.84 -5.25 1.68
N TYR A 27 -2.11 -6.53 1.84
CA TYR A 27 -1.57 -7.38 2.92
C TYR A 27 -1.09 -8.71 2.32
N THR A 28 0.19 -8.80 2.01
CA THR A 28 0.78 -10.00 1.35
C THR A 28 0.79 -11.21 2.27
N ALA A 29 0.79 -12.41 1.68
CA ALA A 29 0.75 -13.69 2.42
C ALA A 29 1.96 -13.93 3.37
N ALA A 30 3.05 -13.17 3.21
CA ALA A 30 4.18 -13.14 4.15
C ALA A 30 3.84 -12.53 5.53
N GLY A 31 2.69 -11.85 5.67
CA GLY A 31 2.26 -11.19 6.90
C GLY A 31 2.72 -9.72 7.00
N GLU A 32 2.71 -9.01 5.88
CA GLU A 32 3.24 -7.63 5.75
C GLU A 32 2.25 -6.72 5.00
N ARG A 33 2.03 -5.51 5.51
CA ARG A 33 1.23 -4.44 4.88
C ARG A 33 2.09 -3.59 3.94
N PHE A 34 1.48 -3.16 2.83
CA PHE A 34 2.02 -2.23 1.85
C PHE A 34 0.95 -1.22 1.41
N PHE A 35 1.40 -0.08 0.89
CA PHE A 35 0.56 1.01 0.39
C PHE A 35 0.86 1.29 -1.09
N VAL A 36 -0.16 1.72 -1.83
CA VAL A 36 -0.20 1.80 -3.30
C VAL A 36 -0.85 3.12 -3.71
N ASP A 37 -0.20 3.86 -4.62
CA ASP A 37 -0.58 5.21 -5.05
C ASP A 37 -0.84 5.28 -6.56
N HIS A 38 -2.09 5.00 -6.96
CA HIS A 38 -2.55 4.97 -8.35
C HIS A 38 -2.30 6.25 -9.14
N ASN A 39 -2.13 7.40 -8.46
CA ASN A 39 -1.89 8.71 -9.08
C ASN A 39 -0.56 8.80 -9.85
N THR A 40 0.41 7.93 -9.52
CA THR A 40 1.75 7.87 -10.17
C THR A 40 2.36 6.45 -10.18
N ARG A 41 1.52 5.41 -9.96
CA ARG A 41 1.88 3.97 -9.91
C ARG A 41 2.91 3.58 -8.83
N ARG A 42 3.18 4.46 -7.86
CA ARG A 42 4.17 4.22 -6.79
C ARG A 42 3.63 3.35 -5.64
N THR A 43 4.54 2.89 -4.80
CA THR A 43 4.27 2.07 -3.60
C THR A 43 5.24 2.42 -2.45
N THR A 44 4.88 2.03 -1.22
CA THR A 44 5.72 2.24 -0.01
C THR A 44 5.33 1.29 1.13
N PHE A 45 6.21 1.14 2.12
CA PHE A 45 6.10 0.24 3.27
C PHE A 45 5.34 0.87 4.46
N GLU A 46 5.11 2.18 4.44
CA GLU A 46 4.55 2.99 5.54
C GLU A 46 3.76 4.21 4.99
N ASP A 47 3.47 5.22 5.82
CA ASP A 47 2.77 6.44 5.43
C ASP A 47 3.64 7.70 5.65
N PRO A 48 4.66 7.94 4.79
CA PRO A 48 5.57 9.08 4.91
C PRO A 48 4.91 10.42 4.52
N ARG A 49 5.56 11.54 4.86
CA ARG A 49 5.12 12.90 4.48
C ARG A 49 5.10 13.13 2.96
N PRO A 50 4.25 14.04 2.46
CA PRO A 50 4.23 14.45 1.05
C PRO A 50 5.46 15.31 0.67
N GLY A 51 5.71 15.43 -0.64
CA GLY A 51 6.80 16.23 -1.24
C GLY A 51 7.66 15.44 -2.23
N ALA A 52 7.72 14.11 -2.06
CA ALA A 52 8.32 13.16 -3.00
C ALA A 52 7.56 13.14 -4.36
N PRO A 53 8.20 12.69 -5.46
CA PRO A 53 7.57 12.58 -6.79
C PRO A 53 6.39 11.61 -6.82
N ASN B 7 6.77 1.04 13.10
CA ASN B 7 6.19 -0.04 12.27
C ASN B 7 6.94 -0.15 10.95
N THR B 8 7.73 -1.22 10.77
CA THR B 8 8.48 -1.52 9.52
C THR B 8 8.54 -3.03 9.25
N GLY B 9 8.56 -3.41 7.97
CA GLY B 9 8.71 -4.78 7.49
C GLY B 9 8.25 -4.95 6.04
N ALA B 10 8.91 -5.87 5.31
CA ALA B 10 8.61 -6.22 3.92
C ALA B 10 9.27 -7.56 3.54
N LYS B 11 8.60 -8.36 2.69
CA LYS B 11 9.13 -9.64 2.18
C LYS B 11 8.73 -10.00 0.73
N GLN B 12 7.92 -9.16 0.08
CA GLN B 12 7.49 -9.28 -1.32
C GLN B 12 7.43 -7.88 -1.97
N PRO B 13 7.73 -7.73 -3.27
CA PRO B 13 7.60 -6.45 -3.96
C PRO B 13 6.10 -6.10 -4.19
N PRO B 14 5.60 -4.95 -3.69
CA PRO B 14 4.22 -4.53 -3.95
C PRO B 14 4.07 -4.04 -5.40
N SER B 15 3.14 -4.63 -6.13
CA SER B 15 2.89 -4.35 -7.56
C SER B 15 1.41 -4.55 -7.90
N TYR B 16 0.62 -3.47 -7.86
CA TYR B 16 -0.81 -3.47 -8.22
C TYR B 16 -0.97 -3.17 -9.72
N GLU B 17 -1.15 -1.90 -10.11
CA GLU B 17 -1.16 -1.43 -11.50
C GLU B 17 0.14 -1.79 -12.25
N ASP B 18 1.27 -1.83 -11.53
CA ASP B 18 2.58 -2.25 -12.05
C ASP B 18 2.61 -3.72 -12.54
N CYS B 19 1.71 -4.58 -12.02
CA CYS B 19 1.58 -5.99 -12.41
C CYS B 19 0.45 -6.22 -13.43
N ILE B 20 -0.69 -5.53 -13.31
CA ILE B 20 -1.88 -5.74 -14.15
C ILE B 20 -1.86 -4.97 -15.49
N LYS B 21 -0.68 -4.57 -15.99
CA LYS B 21 -0.45 -3.83 -17.25
C LYS B 21 0.54 -4.54 -18.19
N VAL A 11 -13.67 -10.24 7.83
CA VAL A 11 -13.83 -9.16 8.85
C VAL A 11 -12.62 -8.23 8.95
N SER A 12 -11.41 -8.76 9.17
CA SER A 12 -10.22 -8.08 9.72
C SER A 12 -9.71 -6.80 9.03
N LEU A 13 -10.04 -6.58 7.75
CA LEU A 13 -9.71 -5.36 6.98
C LEU A 13 -10.92 -4.78 6.20
N ILE A 14 -12.13 -5.23 6.54
CA ILE A 14 -13.39 -4.91 5.82
C ILE A 14 -14.43 -4.26 6.76
N ASN A 15 -14.35 -4.53 8.08
CA ASN A 15 -15.25 -3.99 9.11
C ASN A 15 -14.61 -2.81 9.91
N GLU A 16 -13.44 -2.35 9.49
CA GLU A 16 -12.65 -1.28 10.11
C GLU A 16 -13.12 0.14 9.71
N GLY A 17 -12.38 1.18 10.12
CA GLY A 17 -12.62 2.59 9.77
C GLY A 17 -12.46 2.94 8.27
N PRO A 18 -12.73 4.21 7.89
CA PRO A 18 -12.72 4.66 6.49
C PRO A 18 -11.31 4.65 5.86
N LEU A 19 -11.24 4.47 4.54
CA LEU A 19 -9.98 4.38 3.80
C LEU A 19 -9.31 5.76 3.57
N PRO A 20 -7.97 5.83 3.38
CA PRO A 20 -7.24 7.09 3.10
C PRO A 20 -7.57 7.68 1.71
N PRO A 21 -7.37 9.01 1.51
CA PRO A 21 -7.82 9.74 0.32
C PRO A 21 -6.99 9.39 -0.93
N GLY A 22 -7.61 8.78 -1.94
CA GLY A 22 -6.99 8.46 -3.23
C GLY A 22 -5.82 7.47 -3.15
N TRP A 23 -5.84 6.56 -2.17
CA TRP A 23 -4.82 5.53 -1.90
C TRP A 23 -5.42 4.12 -1.93
N GLU A 24 -4.56 3.12 -2.14
CA GLU A 24 -4.89 1.69 -2.03
C GLU A 24 -3.89 1.01 -1.07
N ILE A 25 -4.35 0.00 -0.33
CA ILE A 25 -3.61 -0.65 0.77
C ILE A 25 -3.85 -2.15 0.72
N ARG A 26 -2.77 -2.95 0.74
CA ARG A 26 -2.80 -4.40 0.53
C ARG A 26 -1.96 -5.13 1.58
N TYR A 27 -2.23 -6.44 1.74
CA TYR A 27 -1.66 -7.32 2.76
C TYR A 27 -1.17 -8.61 2.10
N THR A 28 0.15 -8.77 1.99
CA THR A 28 0.77 -9.93 1.32
C THR A 28 0.70 -11.19 2.19
N ALA A 29 0.85 -12.37 1.55
CA ALA A 29 0.87 -13.67 2.22
C ALA A 29 2.03 -13.85 3.22
N ALA A 30 3.07 -13.02 3.15
CA ALA A 30 4.16 -12.94 4.14
C ALA A 30 3.72 -12.32 5.50
N GLY A 31 2.51 -11.74 5.58
CA GLY A 31 2.03 -11.01 6.76
C GLY A 31 2.50 -9.55 6.81
N GLU A 32 2.80 -8.96 5.65
CA GLU A 32 3.35 -7.60 5.51
C GLU A 32 2.37 -6.71 4.71
N ARG A 33 2.07 -5.53 5.27
CA ARG A 33 1.19 -4.50 4.67
C ARG A 33 2.00 -3.52 3.83
N PHE A 34 1.38 -3.04 2.75
CA PHE A 34 1.96 -2.10 1.78
C PHE A 34 0.91 -1.09 1.30
N PHE A 35 1.37 0.06 0.81
CA PHE A 35 0.54 1.12 0.25
C PHE A 35 0.88 1.35 -1.23
N VAL A 36 -0.14 1.73 -2.00
CA VAL A 36 -0.15 1.82 -3.47
C VAL A 36 -0.75 3.17 -3.87
N ASP A 37 0.07 4.01 -4.51
CA ASP A 37 -0.33 5.33 -5.00
C ASP A 37 -0.83 5.25 -6.44
N HIS A 38 -2.12 4.95 -6.63
CA HIS A 38 -2.78 4.88 -7.94
C HIS A 38 -2.65 6.17 -8.79
N ASN A 39 -2.32 7.30 -8.17
CA ASN A 39 -2.13 8.61 -8.81
C ASN A 39 -0.84 8.70 -9.67
N THR A 40 0.21 7.93 -9.33
CA THR A 40 1.51 7.93 -10.04
C THR A 40 2.10 6.53 -10.28
N ARG A 41 1.42 5.48 -9.79
CA ARG A 41 1.83 4.06 -9.79
C ARG A 41 2.99 3.73 -8.82
N ARG A 42 3.39 4.69 -7.96
CA ARG A 42 4.33 4.46 -6.85
C ARG A 42 3.79 3.49 -5.79
N THR A 43 4.69 2.99 -4.94
CA THR A 43 4.41 2.15 -3.78
C THR A 43 5.32 2.51 -2.60
N THR A 44 4.93 2.12 -1.37
CA THR A 44 5.74 2.30 -0.16
C THR A 44 5.31 1.34 0.96
N PHE A 45 6.21 1.08 1.90
CA PHE A 45 6.01 0.20 3.06
C PHE A 45 5.17 0.85 4.17
N GLU A 46 5.15 2.18 4.22
CA GLU A 46 4.66 3.00 5.34
C GLU A 46 3.89 4.24 4.85
N ASP A 47 3.61 5.21 5.73
CA ASP A 47 2.86 6.43 5.38
C ASP A 47 3.72 7.71 5.61
N PRO A 48 4.71 7.98 4.73
CA PRO A 48 5.62 9.13 4.85
C PRO A 48 4.93 10.46 4.48
N ARG A 49 5.67 11.57 4.64
CA ARG A 49 5.23 12.93 4.26
C ARG A 49 4.78 13.03 2.78
N PRO A 50 3.81 13.91 2.45
CA PRO A 50 3.28 14.05 1.10
C PRO A 50 4.27 14.70 0.12
N GLY A 51 4.06 14.46 -1.17
CA GLY A 51 4.81 15.05 -2.29
C GLY A 51 5.04 14.09 -3.46
N ALA A 52 5.21 12.80 -3.16
CA ALA A 52 5.41 11.67 -4.10
C ALA A 52 6.25 12.01 -5.37
N PRO A 53 7.51 12.46 -5.22
CA PRO A 53 8.40 12.84 -6.34
C PRO A 53 8.74 11.66 -7.28
N ASN B 7 12.14 1.30 8.62
CA ASN B 7 10.86 1.01 7.91
C ASN B 7 9.98 0.06 8.73
N THR B 8 8.67 0.00 8.41
CA THR B 8 7.70 -0.93 9.00
C THR B 8 8.05 -2.40 8.77
N GLY B 9 8.45 -2.76 7.54
CA GLY B 9 8.91 -4.09 7.12
C GLY B 9 8.42 -4.48 5.72
N ALA B 10 9.13 -5.41 5.07
CA ALA B 10 8.78 -5.96 3.76
C ALA B 10 9.42 -7.35 3.53
N LYS B 11 8.74 -8.21 2.76
CA LYS B 11 9.26 -9.53 2.31
C LYS B 11 8.85 -9.92 0.88
N GLN B 12 8.05 -9.10 0.20
CA GLN B 12 7.63 -9.25 -1.20
C GLN B 12 7.59 -7.86 -1.87
N PRO B 13 7.87 -7.73 -3.18
CA PRO B 13 7.76 -6.46 -3.89
C PRO B 13 6.27 -6.09 -4.10
N PRO B 14 5.80 -4.93 -3.64
CA PRO B 14 4.44 -4.46 -3.93
C PRO B 14 4.31 -4.05 -5.41
N SER B 15 3.31 -4.59 -6.10
CA SER B 15 3.04 -4.31 -7.52
C SER B 15 1.57 -4.63 -7.83
N TYR B 16 0.70 -3.61 -7.72
CA TYR B 16 -0.73 -3.73 -8.01
C TYR B 16 -1.00 -3.36 -9.48
N GLU B 17 -1.23 -2.09 -9.79
CA GLU B 17 -1.37 -1.60 -11.18
C GLU B 17 -0.11 -1.85 -12.02
N ASP B 18 1.08 -1.85 -11.41
CA ASP B 18 2.35 -2.16 -12.06
C ASP B 18 2.50 -3.63 -12.48
N CYS B 19 1.65 -4.53 -11.99
CA CYS B 19 1.59 -5.94 -12.39
C CYS B 19 0.46 -6.23 -13.39
N ILE B 20 -0.72 -5.59 -13.23
CA ILE B 20 -1.89 -5.81 -14.08
C ILE B 20 -1.92 -4.96 -15.37
N LYS B 21 -0.75 -4.60 -15.91
CA LYS B 21 -0.56 -3.78 -17.12
C LYS B 21 0.37 -4.43 -18.16
N VAL A 11 -11.50 -8.33 4.96
CA VAL A 11 -11.80 -6.88 5.16
C VAL A 11 -12.85 -6.64 6.26
N SER A 12 -14.07 -7.15 6.10
CA SER A 12 -15.33 -6.71 6.78
C SER A 12 -15.32 -6.56 8.33
N LEU A 13 -14.46 -7.28 9.07
CA LEU A 13 -14.27 -7.15 10.54
C LEU A 13 -12.79 -7.02 10.96
N ILE A 14 -11.91 -6.68 10.00
CA ILE A 14 -10.44 -6.61 10.16
C ILE A 14 -9.90 -5.22 9.79
N ASN A 15 -10.65 -4.42 9.02
CA ASN A 15 -10.22 -3.14 8.45
C ASN A 15 -11.19 -1.99 8.81
N GLU A 16 -11.51 -1.88 10.10
CA GLU A 16 -12.48 -0.90 10.64
C GLU A 16 -12.11 0.57 10.31
N GLY A 17 -13.13 1.41 10.11
CA GLY A 17 -12.99 2.84 9.76
C GLY A 17 -12.95 3.14 8.25
N PRO A 18 -12.92 4.43 7.85
CA PRO A 18 -12.83 4.84 6.45
C PRO A 18 -11.43 4.64 5.86
N LEU A 19 -11.32 4.65 4.52
CA LEU A 19 -10.04 4.47 3.80
C LEU A 19 -9.35 5.83 3.48
N PRO A 20 -8.02 5.87 3.29
CA PRO A 20 -7.27 7.10 2.98
C PRO A 20 -7.58 7.66 1.57
N PRO A 21 -7.37 8.98 1.34
CA PRO A 21 -7.81 9.67 0.12
C PRO A 21 -6.96 9.29 -1.11
N GLY A 22 -7.58 8.64 -2.11
CA GLY A 22 -6.93 8.29 -3.38
C GLY A 22 -5.79 7.28 -3.26
N TRP A 23 -5.81 6.44 -2.23
CA TRP A 23 -4.81 5.40 -1.92
C TRP A 23 -5.46 4.00 -1.90
N GLU A 24 -4.63 2.97 -2.01
CA GLU A 24 -4.98 1.55 -1.83
C GLU A 24 -3.97 0.89 -0.89
N ILE A 25 -4.40 -0.14 -0.16
CA ILE A 25 -3.68 -0.78 0.95
C ILE A 25 -3.87 -2.29 0.88
N ARG A 26 -2.77 -3.04 0.85
CA ARG A 26 -2.75 -4.49 0.60
C ARG A 26 -1.89 -5.22 1.63
N TYR A 27 -2.13 -6.52 1.78
CA TYR A 27 -1.62 -7.36 2.89
C TYR A 27 -1.06 -8.66 2.30
N THR A 28 0.26 -8.70 2.12
CA THR A 28 0.96 -9.84 1.49
C THR A 28 0.92 -11.10 2.35
N ALA A 29 1.03 -12.28 1.72
CA ALA A 29 1.02 -13.58 2.40
C ALA A 29 2.20 -13.80 3.37
N ALA A 30 3.25 -12.97 3.28
CA ALA A 30 4.34 -12.88 4.27
C ALA A 30 3.89 -12.31 5.63
N GLY A 31 2.69 -11.73 5.73
CA GLY A 31 2.15 -11.07 6.92
C GLY A 31 2.50 -9.58 6.99
N GLU A 32 2.71 -8.93 5.83
CA GLU A 32 3.27 -7.57 5.74
C GLU A 32 2.39 -6.65 4.87
N ARG A 33 2.01 -5.52 5.44
CA ARG A 33 1.16 -4.48 4.85
C ARG A 33 1.97 -3.51 3.98
N PHE A 34 1.37 -3.07 2.88
CA PHE A 34 1.92 -2.06 1.95
C PHE A 34 0.82 -1.13 1.44
N PHE A 35 1.23 0.02 0.89
CA PHE A 35 0.36 1.05 0.31
C PHE A 35 0.71 1.29 -1.16
N VAL A 36 -0.27 1.73 -1.93
CA VAL A 36 -0.27 1.81 -3.39
C VAL A 36 -0.91 3.14 -3.84
N ASP A 37 -0.18 3.91 -4.66
CA ASP A 37 -0.61 5.23 -5.13
C ASP A 37 -0.99 5.21 -6.62
N HIS A 38 -2.29 5.02 -6.91
CA HIS A 38 -2.82 5.00 -8.29
C HIS A 38 -2.56 6.30 -9.08
N ASN A 39 -2.27 7.42 -8.40
CA ASN A 39 -1.99 8.72 -9.01
C ASN A 39 -0.64 8.76 -9.77
N THR A 40 0.33 7.92 -9.40
CA THR A 40 1.69 7.88 -9.99
C THR A 40 2.25 6.47 -10.21
N ARG A 41 1.51 5.43 -9.81
CA ARG A 41 1.89 4.00 -9.81
C ARG A 41 2.97 3.62 -8.78
N ARG A 42 3.38 4.54 -7.90
CA ARG A 42 4.31 4.28 -6.78
C ARG A 42 3.71 3.37 -5.70
N THR A 43 4.58 2.84 -4.84
CA THR A 43 4.25 1.98 -3.68
C THR A 43 5.19 2.26 -2.51
N THR A 44 4.78 1.90 -1.28
CA THR A 44 5.56 2.11 -0.04
C THR A 44 5.13 1.15 1.08
N PHE A 45 6.05 0.79 1.98
CA PHE A 45 5.78 -0.02 3.17
C PHE A 45 5.19 0.82 4.32
N GLU A 46 5.78 1.99 4.59
CA GLU A 46 5.28 2.96 5.57
C GLU A 46 4.22 3.90 4.96
N ASP A 47 3.73 4.86 5.74
CA ASP A 47 2.69 5.84 5.36
C ASP A 47 3.27 7.28 5.32
N PRO A 48 4.00 7.66 4.25
CA PRO A 48 4.63 8.98 4.09
C PRO A 48 3.60 10.08 3.72
N ARG A 49 4.10 11.28 3.39
CA ARG A 49 3.32 12.42 2.87
C ARG A 49 2.33 12.04 1.74
N PRO A 50 1.16 12.70 1.64
CA PRO A 50 0.15 12.38 0.63
C PRO A 50 0.57 12.78 -0.80
N GLY A 51 -0.15 12.25 -1.78
CA GLY A 51 0.01 12.54 -3.22
C GLY A 51 -0.95 13.63 -3.73
N ALA A 52 -1.03 13.76 -5.05
CA ALA A 52 -1.93 14.69 -5.74
C ALA A 52 -3.43 14.43 -5.41
N PRO A 53 -4.30 15.47 -5.45
CA PRO A 53 -5.74 15.34 -5.20
C PRO A 53 -6.47 14.52 -6.29
N ASN B 7 13.33 0.39 3.42
CA ASN B 7 13.46 -1.08 3.59
C ASN B 7 13.67 -1.44 5.06
N THR B 8 12.63 -1.92 5.73
CA THR B 8 12.67 -2.33 7.16
C THR B 8 11.70 -3.48 7.51
N GLY B 9 11.10 -4.14 6.51
CA GLY B 9 10.07 -5.18 6.70
C GLY B 9 9.35 -5.57 5.39
N ALA B 10 10.10 -6.06 4.39
CA ALA B 10 9.59 -6.30 3.04
C ALA B 10 10.14 -7.59 2.38
N LYS B 11 9.44 -8.71 2.57
CA LYS B 11 9.73 -10.03 1.96
C LYS B 11 9.17 -10.16 0.53
N GLN B 12 8.14 -9.38 0.17
CA GLN B 12 7.47 -9.40 -1.13
C GLN B 12 7.34 -7.98 -1.71
N PRO B 13 7.61 -7.75 -3.02
CA PRO B 13 7.46 -6.44 -3.65
C PRO B 13 5.96 -6.11 -3.91
N PRO B 14 5.42 -4.98 -3.44
CA PRO B 14 4.09 -4.53 -3.81
C PRO B 14 4.07 -4.05 -5.28
N SER B 15 3.13 -4.58 -6.08
CA SER B 15 2.96 -4.27 -7.50
C SER B 15 1.50 -4.51 -7.94
N TYR B 16 0.67 -3.47 -7.86
CA TYR B 16 -0.75 -3.53 -8.25
C TYR B 16 -0.91 -3.17 -9.74
N GLU B 17 -1.07 -1.88 -10.09
CA GLU B 17 -1.09 -1.42 -11.48
C GLU B 17 0.22 -1.66 -12.23
N ASP B 18 1.36 -1.72 -11.51
CA ASP B 18 2.65 -2.09 -12.09
C ASP B 18 2.75 -3.58 -12.50
N CYS B 19 1.75 -4.40 -12.19
CA CYS B 19 1.66 -5.81 -12.58
C CYS B 19 0.49 -6.07 -13.57
N ILE B 20 -0.68 -5.44 -13.37
CA ILE B 20 -1.86 -5.64 -14.23
C ILE B 20 -1.83 -4.84 -15.56
N LYS B 21 -0.73 -4.12 -15.86
CA LYS B 21 -0.47 -3.39 -17.11
C LYS B 21 0.62 -4.09 -17.95
N VAL A 11 -13.75 -9.39 11.08
CA VAL A 11 -13.94 -8.01 11.61
C VAL A 11 -12.68 -7.14 11.50
N SER A 12 -11.53 -7.59 12.02
CA SER A 12 -10.35 -6.79 12.42
C SER A 12 -9.71 -5.86 11.37
N LEU A 13 -9.90 -6.12 10.07
CA LEU A 13 -9.44 -5.26 8.95
C LEU A 13 -10.55 -4.99 7.90
N ILE A 14 -11.81 -5.24 8.26
CA ILE A 14 -12.99 -5.17 7.37
C ILE A 14 -14.08 -4.23 7.94
N ASN A 15 -14.00 -3.88 9.23
CA ASN A 15 -14.98 -3.03 9.93
C ASN A 15 -14.34 -1.77 10.57
N GLU A 16 -13.11 -1.42 10.15
CA GLU A 16 -12.37 -0.22 10.58
C GLU A 16 -12.94 1.10 9.99
N GLY A 17 -12.30 2.24 10.32
CA GLY A 17 -12.62 3.58 9.80
C GLY A 17 -12.40 3.78 8.28
N PRO A 18 -12.69 4.99 7.76
CA PRO A 18 -12.66 5.30 6.32
C PRO A 18 -11.25 5.24 5.72
N LEU A 19 -11.16 4.92 4.43
CA LEU A 19 -9.88 4.76 3.70
C LEU A 19 -9.15 6.11 3.45
N PRO A 20 -7.81 6.12 3.28
CA PRO A 20 -7.03 7.33 3.00
C PRO A 20 -7.31 7.94 1.60
N PRO A 21 -7.10 9.25 1.41
CA PRO A 21 -7.52 9.99 0.22
C PRO A 21 -6.70 9.65 -1.04
N GLY A 22 -7.35 9.04 -2.04
CA GLY A 22 -6.73 8.72 -3.34
C GLY A 22 -5.60 7.67 -3.26
N TRP A 23 -5.68 6.76 -2.30
CA TRP A 23 -4.71 5.68 -2.03
C TRP A 23 -5.36 4.29 -2.11
N GLU A 24 -4.53 3.26 -2.23
CA GLU A 24 -4.89 1.84 -2.10
C GLU A 24 -3.89 1.15 -1.14
N ILE A 25 -4.34 0.11 -0.44
CA ILE A 25 -3.63 -0.50 0.71
C ILE A 25 -3.92 -2.00 0.72
N ARG A 26 -2.88 -2.84 0.74
CA ARG A 26 -3.00 -4.31 0.62
C ARG A 26 -2.08 -5.07 1.58
N TYR A 27 -2.38 -6.36 1.73
CA TYR A 27 -1.78 -7.28 2.71
C TYR A 27 -1.31 -8.55 1.96
N THR A 28 -0.01 -8.80 1.91
CA THR A 28 0.56 -9.96 1.18
C THR A 28 0.49 -11.25 2.00
N ALA A 29 0.65 -12.40 1.34
CA ALA A 29 0.67 -13.72 1.97
C ALA A 29 1.82 -13.93 2.99
N ALA A 30 2.83 -13.04 3.01
CA ALA A 30 3.88 -13.01 4.03
C ALA A 30 3.40 -12.45 5.41
N GLY A 31 2.19 -11.88 5.48
CA GLY A 31 1.63 -11.28 6.69
C GLY A 31 2.07 -9.81 6.88
N GLU A 32 2.21 -9.06 5.78
CA GLU A 32 2.76 -7.69 5.76
C GLU A 32 1.89 -6.75 4.93
N ARG A 33 1.76 -5.49 5.39
CA ARG A 33 0.95 -4.44 4.76
C ARG A 33 1.81 -3.45 3.97
N PHE A 34 1.28 -2.99 2.84
CA PHE A 34 1.91 -2.07 1.89
C PHE A 34 0.88 -1.07 1.34
N PHE A 35 1.36 0.07 0.85
CA PHE A 35 0.55 1.14 0.28
C PHE A 35 0.88 1.34 -1.21
N VAL A 36 -0.13 1.74 -1.99
CA VAL A 36 -0.15 1.80 -3.46
C VAL A 36 -0.72 3.15 -3.90
N ASP A 37 0.10 3.95 -4.57
CA ASP A 37 -0.20 5.31 -5.00
C ASP A 37 -0.73 5.32 -6.45
N HIS A 38 -2.03 5.11 -6.60
CA HIS A 38 -2.73 5.07 -7.91
C HIS A 38 -2.52 6.31 -8.81
N ASN A 39 -2.10 7.44 -8.23
CA ASN A 39 -1.82 8.68 -8.96
C ASN A 39 -0.57 8.59 -9.86
N THR A 40 0.41 7.72 -9.52
CA THR A 40 1.72 7.61 -10.20
C THR A 40 2.25 6.18 -10.34
N ARG A 41 1.47 5.17 -9.91
CA ARG A 41 1.84 3.73 -9.84
C ARG A 41 2.92 3.37 -8.82
N ARG A 42 3.39 4.34 -8.01
CA ARG A 42 4.36 4.16 -6.91
C ARG A 42 3.80 3.31 -5.77
N THR A 43 4.70 2.88 -4.88
CA THR A 43 4.41 2.07 -3.69
C THR A 43 5.35 2.40 -2.54
N THR A 44 4.97 2.07 -1.30
CA THR A 44 5.78 2.28 -0.09
C THR A 44 5.35 1.36 1.07
N PHE A 45 6.24 1.16 2.04
CA PHE A 45 6.06 0.32 3.22
C PHE A 45 5.25 0.99 4.35
N GLU A 46 5.06 2.30 4.28
CA GLU A 46 4.47 3.14 5.34
C GLU A 46 3.70 4.37 4.76
N ASP A 47 3.42 5.39 5.57
CA ASP A 47 2.74 6.62 5.16
C ASP A 47 3.63 7.87 5.41
N PRO A 48 4.68 8.09 4.57
CA PRO A 48 5.61 9.21 4.72
C PRO A 48 5.01 10.56 4.26
N ARG A 49 5.81 11.63 4.29
CA ARG A 49 5.45 12.97 3.76
C ARG A 49 4.96 12.91 2.28
N PRO A 50 4.06 13.82 1.87
CA PRO A 50 3.53 13.86 0.50
C PRO A 50 4.57 14.28 -0.55
N GLY A 51 4.22 14.09 -1.83
CA GLY A 51 5.07 14.36 -3.00
C GLY A 51 4.32 15.00 -4.16
N ALA A 52 3.30 15.82 -3.86
CA ALA A 52 2.43 16.52 -4.81
C ALA A 52 2.06 17.94 -4.30
N PRO A 53 1.76 18.90 -5.21
CA PRO A 53 1.40 20.28 -4.86
C PRO A 53 0.04 20.39 -4.13
N ASN B 7 14.61 -4.79 9.36
CA ASN B 7 16.07 -4.62 9.58
C ASN B 7 16.86 -5.12 8.37
N THR B 8 17.24 -4.20 7.47
CA THR B 8 18.10 -4.43 6.27
C THR B 8 17.85 -5.74 5.51
N GLY B 9 16.58 -6.09 5.28
CA GLY B 9 16.14 -7.33 4.64
C GLY B 9 15.00 -7.07 3.66
N ALA B 10 15.16 -7.53 2.42
CA ALA B 10 14.15 -7.46 1.38
C ALA B 10 12.88 -8.25 1.75
N LYS B 11 11.74 -7.84 1.18
CA LYS B 11 10.40 -8.40 1.42
C LYS B 11 9.62 -8.48 0.10
N GLN B 12 8.47 -9.15 0.06
CA GLN B 12 7.70 -9.33 -1.17
C GLN B 12 7.36 -7.96 -1.82
N PRO B 13 7.79 -7.69 -3.07
CA PRO B 13 7.64 -6.37 -3.68
C PRO B 13 6.16 -6.06 -3.97
N PRO B 14 5.61 -4.93 -3.47
CA PRO B 14 4.24 -4.53 -3.77
C PRO B 14 4.11 -4.11 -5.24
N SER B 15 3.25 -4.83 -5.98
CA SER B 15 3.01 -4.63 -7.42
C SER B 15 1.54 -4.94 -7.74
N TYR B 16 0.65 -3.99 -7.48
CA TYR B 16 -0.79 -4.11 -7.78
C TYR B 16 -1.04 -3.69 -9.25
N GLU B 17 -1.26 -2.39 -9.49
CA GLU B 17 -1.38 -1.79 -10.83
C GLU B 17 -0.21 -2.14 -11.75
N ASP B 18 1.02 -2.07 -11.23
CA ASP B 18 2.26 -2.35 -11.96
C ASP B 18 2.42 -3.81 -12.44
N CYS B 19 1.66 -4.75 -11.86
CA CYS B 19 1.59 -6.14 -12.31
C CYS B 19 0.44 -6.38 -13.31
N ILE B 20 -0.75 -5.82 -13.05
CA ILE B 20 -1.95 -6.09 -13.87
C ILE B 20 -2.02 -5.33 -15.20
N LYS B 21 -1.11 -4.35 -15.45
CA LYS B 21 -1.07 -3.56 -16.70
C LYS B 21 0.34 -3.46 -17.32
N VAL A 11 -18.17 -9.51 7.61
CA VAL A 11 -17.96 -8.40 8.58
C VAL A 11 -16.47 -8.04 8.75
N SER A 12 -15.62 -8.97 9.19
CA SER A 12 -14.30 -8.75 9.80
C SER A 12 -13.30 -7.82 9.08
N LEU A 13 -13.36 -7.72 7.75
CA LEU A 13 -12.56 -6.77 6.93
C LEU A 13 -13.40 -5.97 5.90
N ILE A 14 -14.72 -5.93 6.08
CA ILE A 14 -15.71 -5.33 5.17
C ILE A 14 -16.67 -4.37 5.93
N ASN A 15 -16.42 -4.13 7.23
CA ASN A 15 -17.23 -3.27 8.10
C ASN A 15 -16.35 -2.36 9.02
N GLU A 16 -15.05 -2.24 8.71
CA GLU A 16 -14.07 -1.42 9.43
C GLU A 16 -14.18 0.09 9.09
N GLY A 17 -13.26 0.90 9.61
CA GLY A 17 -13.18 2.36 9.36
C GLY A 17 -12.92 2.76 7.89
N PRO A 18 -13.03 4.07 7.57
CA PRO A 18 -12.91 4.59 6.19
C PRO A 18 -11.49 4.50 5.62
N LEU A 19 -11.37 4.46 4.29
CA LEU A 19 -10.09 4.34 3.57
C LEU A 19 -9.41 5.72 3.31
N PRO A 20 -8.07 5.76 3.13
CA PRO A 20 -7.34 7.00 2.83
C PRO A 20 -7.61 7.56 1.42
N PRO A 21 -7.39 8.87 1.18
CA PRO A 21 -7.80 9.57 -0.04
C PRO A 21 -6.95 9.19 -1.26
N GLY A 22 -7.55 8.53 -2.25
CA GLY A 22 -6.89 8.17 -3.52
C GLY A 22 -5.73 7.16 -3.38
N TRP A 23 -5.78 6.31 -2.34
CA TRP A 23 -4.79 5.28 -2.02
C TRP A 23 -5.43 3.88 -1.97
N GLU A 24 -4.60 2.84 -2.12
CA GLU A 24 -4.94 1.43 -1.92
C GLU A 24 -3.92 0.80 -0.94
N ILE A 25 -4.35 -0.22 -0.20
CA ILE A 25 -3.62 -0.80 0.93
C ILE A 25 -3.83 -2.32 0.92
N ARG A 26 -2.73 -3.08 0.90
CA ARG A 26 -2.76 -4.55 0.74
C ARG A 26 -1.86 -5.24 1.76
N TYR A 27 -2.14 -6.52 2.00
CA TYR A 27 -1.61 -7.33 3.10
C TYR A 27 -1.11 -8.66 2.54
N THR A 28 0.20 -8.80 2.37
CA THR A 28 0.81 -9.96 1.69
C THR A 28 0.78 -11.23 2.54
N ALA A 29 0.95 -12.40 1.91
CA ALA A 29 1.01 -13.69 2.60
C ALA A 29 2.20 -13.84 3.57
N ALA A 30 3.22 -12.97 3.47
CA ALA A 30 4.33 -12.87 4.43
C ALA A 30 3.93 -12.17 5.75
N GLY A 31 2.74 -11.57 5.83
CA GLY A 31 2.28 -10.80 7.00
C GLY A 31 2.70 -9.34 6.98
N GLU A 32 2.92 -8.75 5.79
CA GLU A 32 3.43 -7.38 5.60
C GLU A 32 2.39 -6.52 4.87
N ARG A 33 1.96 -5.42 5.53
CA ARG A 33 1.14 -4.37 4.89
C ARG A 33 2.01 -3.48 4.00
N PHE A 34 1.48 -3.11 2.84
CA PHE A 34 2.03 -2.13 1.91
C PHE A 34 0.93 -1.20 1.40
N PHE A 35 1.34 -0.04 0.88
CA PHE A 35 0.47 1.00 0.34
C PHE A 35 0.81 1.25 -1.14
N VAL A 36 -0.22 1.63 -1.90
CA VAL A 36 -0.23 1.70 -3.37
C VAL A 36 -0.88 3.02 -3.80
N ASP A 37 -0.16 3.81 -4.57
CA ASP A 37 -0.63 5.07 -5.15
C ASP A 37 -0.99 4.87 -6.63
N HIS A 38 -2.26 5.10 -6.97
CA HIS A 38 -2.76 5.02 -8.36
C HIS A 38 -2.44 6.26 -9.20
N ASN A 39 -2.08 7.39 -8.57
CA ASN A 39 -1.86 8.68 -9.24
C ASN A 39 -0.57 8.71 -10.08
N THR A 40 0.47 7.97 -9.67
CA THR A 40 1.77 7.85 -10.38
C THR A 40 2.39 6.44 -10.24
N ARG A 41 1.56 5.42 -9.97
CA ARG A 41 1.91 3.97 -9.87
C ARG A 41 2.90 3.59 -8.74
N ARG A 42 3.26 4.53 -7.85
CA ARG A 42 4.22 4.34 -6.74
C ARG A 42 3.69 3.41 -5.64
N THR A 43 4.60 2.93 -4.79
CA THR A 43 4.32 2.06 -3.63
C THR A 43 5.26 2.34 -2.46
N THR A 44 4.88 1.93 -1.25
CA THR A 44 5.69 2.08 -0.02
C THR A 44 5.24 1.11 1.09
N PHE A 45 6.14 0.83 2.04
CA PHE A 45 5.90 0.00 3.23
C PHE A 45 5.32 0.80 4.43
N GLU A 46 5.33 2.13 4.36
CA GLU A 46 4.91 3.04 5.45
C GLU A 46 3.93 4.11 4.97
N ASP A 47 3.65 5.13 5.78
CA ASP A 47 2.67 6.19 5.47
C ASP A 47 3.34 7.59 5.46
N PRO A 48 4.16 7.90 4.43
CA PRO A 48 4.88 9.18 4.31
C PRO A 48 3.97 10.34 3.89
N ARG A 49 4.53 11.55 3.78
CA ARG A 49 3.84 12.74 3.26
C ARG A 49 3.26 12.53 1.84
N PRO A 50 2.16 13.24 1.47
CA PRO A 50 1.53 13.10 0.15
C PRO A 50 2.37 13.68 -1.00
N GLY A 51 3.21 14.69 -0.73
CA GLY A 51 4.25 15.20 -1.65
C GLY A 51 4.43 16.71 -1.61
N ALA A 52 3.34 17.47 -1.70
CA ALA A 52 3.32 18.94 -1.74
C ALA A 52 1.95 19.52 -1.29
N PRO A 53 1.88 20.78 -0.81
CA PRO A 53 0.63 21.46 -0.47
C PRO A 53 -0.25 21.78 -1.70
N ASN B 7 9.25 -2.80 11.99
CA ASN B 7 10.06 -4.04 11.83
C ASN B 7 10.52 -4.19 10.38
N THR B 8 11.76 -4.62 10.16
CA THR B 8 12.33 -4.89 8.82
C THR B 8 11.82 -6.22 8.21
N GLY B 9 11.93 -6.36 6.89
CA GLY B 9 11.64 -7.61 6.18
C GLY B 9 11.55 -7.42 4.66
N ALA B 10 10.49 -6.75 4.20
CA ALA B 10 10.20 -6.44 2.79
C ALA B 10 10.36 -7.65 1.82
N LYS B 11 9.87 -8.83 2.24
CA LYS B 11 10.02 -10.11 1.52
C LYS B 11 9.18 -10.18 0.22
N GLN B 12 8.17 -9.33 0.10
CA GLN B 12 7.15 -9.33 -0.95
C GLN B 12 7.07 -7.95 -1.64
N PRO B 13 7.48 -7.79 -2.91
CA PRO B 13 7.42 -6.52 -3.61
C PRO B 13 5.96 -6.15 -3.96
N PRO B 14 5.43 -4.99 -3.51
CA PRO B 14 4.07 -4.55 -3.86
C PRO B 14 3.99 -4.09 -5.33
N SER B 15 3.07 -4.68 -6.09
CA SER B 15 2.81 -4.37 -7.50
C SER B 15 1.33 -4.59 -7.83
N TYR B 16 0.52 -3.53 -7.79
CA TYR B 16 -0.91 -3.57 -8.16
C TYR B 16 -1.06 -3.23 -9.65
N GLU B 17 -1.14 -1.94 -10.01
CA GLU B 17 -1.14 -1.51 -11.42
C GLU B 17 0.15 -1.93 -12.14
N ASP B 18 1.31 -1.81 -11.48
CA ASP B 18 2.61 -2.23 -12.06
C ASP B 18 2.69 -3.73 -12.42
N CYS B 19 1.77 -4.56 -11.91
CA CYS B 19 1.59 -5.96 -12.34
C CYS B 19 0.56 -6.09 -13.47
N ILE B 20 -0.64 -5.50 -13.34
CA ILE B 20 -1.72 -5.67 -14.33
C ILE B 20 -1.52 -4.86 -15.63
N LYS B 21 -0.70 -3.81 -15.62
CA LYS B 21 -0.30 -2.98 -16.77
C LYS B 21 1.12 -2.44 -16.64
#